data_1SZY
# 
_entry.id   1SZY 
# 
_audit_conform.dict_name       mmcif_pdbx.dic 
_audit_conform.dict_version    5.392 
_audit_conform.dict_location   http://mmcif.pdb.org/dictionaries/ascii/mmcif_pdbx.dic 
# 
loop_
_database_2.database_id 
_database_2.database_code 
_database_2.pdbx_database_accession 
_database_2.pdbx_DOI 
PDB   1SZY         pdb_00001szy 10.2210/pdb1szy/pdb 
RCSB  RCSB022139   ?            ?                   
WWPDB D_1000022139 ?            ?                   
# 
loop_
_pdbx_audit_revision_history.ordinal 
_pdbx_audit_revision_history.data_content_type 
_pdbx_audit_revision_history.major_revision 
_pdbx_audit_revision_history.minor_revision 
_pdbx_audit_revision_history.revision_date 
1 'Structure model' 1 0 2004-04-20 
2 'Structure model' 1 1 2008-04-30 
3 'Structure model' 1 2 2011-07-13 
4 'Structure model' 1 3 2022-03-02 
5 'Structure model' 1 4 2024-05-29 
# 
_pdbx_audit_revision_details.ordinal             1 
_pdbx_audit_revision_details.revision_ordinal    1 
_pdbx_audit_revision_details.data_content_type   'Structure model' 
_pdbx_audit_revision_details.provider            repository 
_pdbx_audit_revision_details.type                'Initial release' 
_pdbx_audit_revision_details.description         ? 
_pdbx_audit_revision_details.details             ? 
# 
loop_
_pdbx_audit_revision_group.ordinal 
_pdbx_audit_revision_group.revision_ordinal 
_pdbx_audit_revision_group.data_content_type 
_pdbx_audit_revision_group.group 
1 2 'Structure model' 'Version format compliance' 
2 3 'Structure model' 'Version format compliance' 
3 4 'Structure model' 'Data collection'           
4 4 'Structure model' 'Database references'       
5 4 'Structure model' 'Derived calculations'      
6 5 'Structure model' 'Data collection'           
# 
loop_
_pdbx_audit_revision_category.ordinal 
_pdbx_audit_revision_category.revision_ordinal 
_pdbx_audit_revision_category.data_content_type 
_pdbx_audit_revision_category.category 
1 4 'Structure model' database_2            
2 4 'Structure model' pdbx_nmr_software     
3 4 'Structure model' pdbx_struct_assembly  
4 4 'Structure model' pdbx_struct_oper_list 
5 5 'Structure model' chem_comp_atom        
6 5 'Structure model' chem_comp_bond        
# 
loop_
_pdbx_audit_revision_item.ordinal 
_pdbx_audit_revision_item.revision_ordinal 
_pdbx_audit_revision_item.data_content_type 
_pdbx_audit_revision_item.item 
1 4 'Structure model' '_database_2.pdbx_DOI'                
2 4 'Structure model' '_database_2.pdbx_database_accession' 
3 4 'Structure model' '_pdbx_nmr_software.name'             
# 
_pdbx_database_status.status_code                     REL 
_pdbx_database_status.entry_id                        1SZY 
_pdbx_database_status.recvd_initial_deposition_date   2004-04-06 
_pdbx_database_status.deposit_site                    RCSB 
_pdbx_database_status.process_site                    PDBJ 
_pdbx_database_status.status_code_mr                  REL 
_pdbx_database_status.SG_entry                        . 
_pdbx_database_status.pdb_format_compatible           Y 
_pdbx_database_status.status_code_sf                  ? 
_pdbx_database_status.status_code_cs                  ? 
_pdbx_database_status.status_code_nmr_data            ? 
_pdbx_database_status.methods_development_category    ? 
# 
loop_
_audit_author.name 
_audit_author.pdbx_ordinal 
'Schweisguth, D.C.' 1 
'Moore, P.B.'       2 
# 
_citation.id                        primary 
_citation.title                     'On the conformation of the anticodon loops of initiator and elongator methionine tRNAs.' 
_citation.journal_abbrev            J.Mol.Biol. 
_citation.journal_volume            267 
_citation.page_first                505 
_citation.page_last                 519 
_citation.year                      1997 
_citation.journal_id_ASTM           JMOBAK 
_citation.country                   UK 
_citation.journal_id_ISSN           0022-2836 
_citation.journal_id_CSD            0070 
_citation.book_publisher            ? 
_citation.pdbx_database_id_PubMed   9126834 
_citation.pdbx_database_id_DOI      10.1006/jmbi.1996.0903 
# 
loop_
_citation_author.citation_id 
_citation_author.name 
_citation_author.ordinal 
_citation_author.identifier_ORCID 
primary 'Schweisguth, D.C.' 1 ? 
primary 'Moore, P.B.'       2 ? 
# 
_entity.id                         1 
_entity.type                       polymer 
_entity.src_method                 syn 
_entity.pdbx_description           "5'-R(P*GP*GP*CP*AP*GP*GP*GP*CP*UP*CP*AP*UP*AP*AP*CP*CP*CP*UP*GP*CP*C)-3'" 
_entity.formula_weight             6703.052 
_entity.pdbx_number_of_molecules   1 
_entity.pdbx_ec                    ? 
_entity.pdbx_mutation              ? 
_entity.pdbx_fragment              ? 
_entity.details                    ? 
# 
_entity_poly.entity_id                      1 
_entity_poly.type                           polyribonucleotide 
_entity_poly.nstd_linkage                   no 
_entity_poly.nstd_monomer                   no 
_entity_poly.pdbx_seq_one_letter_code       GGCAGGGCUCAUAACCCUGCC 
_entity_poly.pdbx_seq_one_letter_code_can   GGCAGGGCUCAUAACCCUGCC 
_entity_poly.pdbx_strand_id                 A 
_entity_poly.pdbx_target_identifier         ? 
# 
loop_
_entity_poly_seq.entity_id 
_entity_poly_seq.num 
_entity_poly_seq.mon_id 
_entity_poly_seq.hetero 
1 1  G n 
1 2  G n 
1 3  C n 
1 4  A n 
1 5  G n 
1 6  G n 
1 7  G n 
1 8  C n 
1 9  U n 
1 10 C n 
1 11 A n 
1 12 U n 
1 13 A n 
1 14 A n 
1 15 C n 
1 16 C n 
1 17 C n 
1 18 U n 
1 19 G n 
1 20 C n 
1 21 C n 
# 
loop_
_chem_comp.id 
_chem_comp.type 
_chem_comp.mon_nstd_flag 
_chem_comp.name 
_chem_comp.pdbx_synonyms 
_chem_comp.formula 
_chem_comp.formula_weight 
A 'RNA linking' y "ADENOSINE-5'-MONOPHOSPHATE" ? 'C10 H14 N5 O7 P' 347.221 
C 'RNA linking' y "CYTIDINE-5'-MONOPHOSPHATE"  ? 'C9 H14 N3 O8 P'  323.197 
G 'RNA linking' y "GUANOSINE-5'-MONOPHOSPHATE" ? 'C10 H14 N5 O8 P' 363.221 
U 'RNA linking' y "URIDINE-5'-MONOPHOSPHATE"   ? 'C9 H13 N2 O9 P'  324.181 
# 
loop_
_pdbx_poly_seq_scheme.asym_id 
_pdbx_poly_seq_scheme.entity_id 
_pdbx_poly_seq_scheme.seq_id 
_pdbx_poly_seq_scheme.mon_id 
_pdbx_poly_seq_scheme.ndb_seq_num 
_pdbx_poly_seq_scheme.pdb_seq_num 
_pdbx_poly_seq_scheme.auth_seq_num 
_pdbx_poly_seq_scheme.pdb_mon_id 
_pdbx_poly_seq_scheme.auth_mon_id 
_pdbx_poly_seq_scheme.pdb_strand_id 
_pdbx_poly_seq_scheme.pdb_ins_code 
_pdbx_poly_seq_scheme.hetero 
A 1 1  G 1  1  1  G GUA A . n 
A 1 2  G 2  2  2  G GUA A . n 
A 1 3  C 3  3  3  C CYT A . n 
A 1 4  A 4  4  4  A ADE A . n 
A 1 5  G 5  5  5  G GUA A . n 
A 1 6  G 6  6  6  G GUA A . n 
A 1 7  G 7  7  7  G GUA A . n 
A 1 8  C 8  8  8  C CYT A . n 
A 1 9  U 9  9  9  U URI A . n 
A 1 10 C 10 10 10 C CYT A . n 
A 1 11 A 11 11 11 A ADE A . n 
A 1 12 U 12 12 12 U URI A . n 
A 1 13 A 13 13 13 A ADE A . n 
A 1 14 A 14 14 14 A ADE A . n 
A 1 15 C 15 15 15 C CYT A . n 
A 1 16 C 16 16 16 C CYT A . n 
A 1 17 C 17 17 17 C CYT A . n 
A 1 18 U 18 18 18 U URI A . n 
A 1 19 G 19 19 19 G GUA A . n 
A 1 20 C 20 20 20 C CYT A . n 
A 1 21 C 21 21 21 C CYT A . n 
# 
_exptl.entry_id          1SZY 
_exptl.method            'SOLUTION NMR' 
_exptl.crystals_number   ? 
# 
_exptl_crystal.id                    1 
_exptl_crystal.density_meas          ? 
_exptl_crystal.density_Matthews      ? 
_exptl_crystal.density_percent_sol   ? 
_exptl_crystal.description           ? 
# 
_diffrn.id                     1 
_diffrn.ambient_temp           ? 
_diffrn.ambient_temp_details   ? 
_diffrn.crystal_id             1 
# 
_diffrn_radiation.diffrn_id                        1 
_diffrn_radiation.wavelength_id                    1 
_diffrn_radiation.pdbx_monochromatic_or_laue_m_l   M 
_diffrn_radiation.monochromator                    ? 
_diffrn_radiation.pdbx_diffrn_protocol             'SINGLE WAVELENGTH' 
_diffrn_radiation.pdbx_scattering_type             ? 
# 
_diffrn_radiation_wavelength.id           1 
_diffrn_radiation_wavelength.wavelength   . 
_diffrn_radiation_wavelength.wt           1.0 
# 
_struct.entry_id                  1SZY 
_struct.title                     
;Solution structure of ITALY1 ("Initiator tRNA Anticodon Loop from Yeast"), an unmodified 21-nt RNA with the sequence of the anticodon stem-loop of yeast initiator tRNA
;
_struct.pdbx_model_details        ? 
_struct.pdbx_CASP_flag            ? 
_struct.pdbx_model_type_details   ? 
# 
_struct_keywords.entry_id        1SZY 
_struct_keywords.pdbx_keywords   RNA 
_struct_keywords.text            'Initiator tRNA Anticodon Loop, RNA' 
# 
_struct_asym.id                            A 
_struct_asym.pdbx_blank_PDB_chainid_flag   N 
_struct_asym.pdbx_modified                 N 
_struct_asym.entity_id                     1 
_struct_asym.details                       ? 
# 
_struct_ref.id                         1 
_struct_ref.entity_id                  1 
_struct_ref.db_name                    PDB 
_struct_ref.db_code                    1SZY 
_struct_ref.pdbx_db_accession          1SZY 
_struct_ref.pdbx_db_isoform            ? 
_struct_ref.pdbx_seq_one_letter_code   ? 
_struct_ref.pdbx_align_begin           ? 
# 
_struct_ref_seq.align_id                      1 
_struct_ref_seq.ref_id                        1 
_struct_ref_seq.pdbx_PDB_id_code              1SZY 
_struct_ref_seq.pdbx_strand_id                A 
_struct_ref_seq.seq_align_beg                 1 
_struct_ref_seq.pdbx_seq_align_beg_ins_code   ? 
_struct_ref_seq.seq_align_end                 21 
_struct_ref_seq.pdbx_seq_align_end_ins_code   ? 
_struct_ref_seq.pdbx_db_accession             1SZY 
_struct_ref_seq.db_align_beg                  1 
_struct_ref_seq.pdbx_db_align_beg_ins_code    ? 
_struct_ref_seq.db_align_end                  21 
_struct_ref_seq.pdbx_db_align_end_ins_code    ? 
_struct_ref_seq.pdbx_auth_seq_align_beg       1 
_struct_ref_seq.pdbx_auth_seq_align_end       21 
# 
_pdbx_struct_assembly.id                   1 
_pdbx_struct_assembly.details              author_defined_assembly 
_pdbx_struct_assembly.method_details       ? 
_pdbx_struct_assembly.oligomeric_details   monomeric 
_pdbx_struct_assembly.oligomeric_count     1 
# 
_pdbx_struct_assembly_gen.assembly_id       1 
_pdbx_struct_assembly_gen.oper_expression   1 
_pdbx_struct_assembly_gen.asym_id_list      A 
# 
_pdbx_struct_oper_list.id                   1 
_pdbx_struct_oper_list.type                 'identity operation' 
_pdbx_struct_oper_list.name                 1_555 
_pdbx_struct_oper_list.symmetry_operation   x,y,z 
_pdbx_struct_oper_list.matrix[1][1]         1.0000000000 
_pdbx_struct_oper_list.matrix[1][2]         0.0000000000 
_pdbx_struct_oper_list.matrix[1][3]         0.0000000000 
_pdbx_struct_oper_list.vector[1]            0.0000000000 
_pdbx_struct_oper_list.matrix[2][1]         0.0000000000 
_pdbx_struct_oper_list.matrix[2][2]         1.0000000000 
_pdbx_struct_oper_list.matrix[2][3]         0.0000000000 
_pdbx_struct_oper_list.vector[2]            0.0000000000 
_pdbx_struct_oper_list.matrix[3][1]         0.0000000000 
_pdbx_struct_oper_list.matrix[3][2]         0.0000000000 
_pdbx_struct_oper_list.matrix[3][3]         1.0000000000 
_pdbx_struct_oper_list.vector[3]            0.0000000000 
# 
_struct_biol.id   1 
# 
loop_
_struct_conn.id 
_struct_conn.conn_type_id 
_struct_conn.pdbx_leaving_atom_flag 
_struct_conn.pdbx_PDB_id 
_struct_conn.ptnr1_label_asym_id 
_struct_conn.ptnr1_label_comp_id 
_struct_conn.ptnr1_label_seq_id 
_struct_conn.ptnr1_label_atom_id 
_struct_conn.pdbx_ptnr1_label_alt_id 
_struct_conn.pdbx_ptnr1_PDB_ins_code 
_struct_conn.pdbx_ptnr1_standard_comp_id 
_struct_conn.ptnr1_symmetry 
_struct_conn.ptnr2_label_asym_id 
_struct_conn.ptnr2_label_comp_id 
_struct_conn.ptnr2_label_seq_id 
_struct_conn.ptnr2_label_atom_id 
_struct_conn.pdbx_ptnr2_label_alt_id 
_struct_conn.pdbx_ptnr2_PDB_ins_code 
_struct_conn.ptnr1_auth_asym_id 
_struct_conn.ptnr1_auth_comp_id 
_struct_conn.ptnr1_auth_seq_id 
_struct_conn.ptnr2_auth_asym_id 
_struct_conn.ptnr2_auth_comp_id 
_struct_conn.ptnr2_auth_seq_id 
_struct_conn.ptnr2_symmetry 
_struct_conn.pdbx_ptnr3_label_atom_id 
_struct_conn.pdbx_ptnr3_label_seq_id 
_struct_conn.pdbx_ptnr3_label_comp_id 
_struct_conn.pdbx_ptnr3_label_asym_id 
_struct_conn.pdbx_ptnr3_label_alt_id 
_struct_conn.pdbx_ptnr3_PDB_ins_code 
_struct_conn.details 
_struct_conn.pdbx_dist_value 
_struct_conn.pdbx_value_order 
_struct_conn.pdbx_role 
hydrog1  hydrog ? ? A G 1 N1 ? ? ? 1_555 A C 21 N3 ? ? A G 1 A C 21 1_555 ? ? ? ? ? ? WATSON-CRICK  ? ? ? 
hydrog2  hydrog ? ? A G 1 N2 ? ? ? 1_555 A C 21 O2 ? ? A G 1 A C 21 1_555 ? ? ? ? ? ? WATSON-CRICK  ? ? ? 
hydrog3  hydrog ? ? A G 1 O6 ? ? ? 1_555 A C 21 N4 ? ? A G 1 A C 21 1_555 ? ? ? ? ? ? WATSON-CRICK  ? ? ? 
hydrog4  hydrog ? ? A G 2 N1 ? ? ? 1_555 A C 20 N3 ? ? A G 2 A C 20 1_555 ? ? ? ? ? ? WATSON-CRICK  ? ? ? 
hydrog5  hydrog ? ? A G 2 N2 ? ? ? 1_555 A C 20 O2 ? ? A G 2 A C 20 1_555 ? ? ? ? ? ? WATSON-CRICK  ? ? ? 
hydrog6  hydrog ? ? A G 2 O6 ? ? ? 1_555 A C 20 N4 ? ? A G 2 A C 20 1_555 ? ? ? ? ? ? WATSON-CRICK  ? ? ? 
hydrog7  hydrog ? ? A C 3 N3 ? ? ? 1_555 A G 19 N1 ? ? A C 3 A G 19 1_555 ? ? ? ? ? ? WATSON-CRICK  ? ? ? 
hydrog8  hydrog ? ? A C 3 N4 ? ? ? 1_555 A G 19 O6 ? ? A C 3 A G 19 1_555 ? ? ? ? ? ? WATSON-CRICK  ? ? ? 
hydrog9  hydrog ? ? A C 3 O2 ? ? ? 1_555 A G 19 N2 ? ? A C 3 A G 19 1_555 ? ? ? ? ? ? WATSON-CRICK  ? ? ? 
hydrog10 hydrog ? ? A A 4 N1 ? ? ? 1_555 A U 18 N3 ? ? A A 4 A U 18 1_555 ? ? ? ? ? ? WATSON-CRICK  ? ? ? 
hydrog11 hydrog ? ? A A 4 N6 ? ? ? 1_555 A U 18 O4 ? ? A A 4 A U 18 1_555 ? ? ? ? ? ? WATSON-CRICK  ? ? ? 
hydrog12 hydrog ? ? A G 5 N1 ? ? ? 1_555 A C 17 N3 ? ? A G 5 A C 17 1_555 ? ? ? ? ? ? WATSON-CRICK  ? ? ? 
hydrog13 hydrog ? ? A G 5 N2 ? ? ? 1_555 A C 17 O2 ? ? A G 5 A C 17 1_555 ? ? ? ? ? ? WATSON-CRICK  ? ? ? 
hydrog14 hydrog ? ? A G 5 O6 ? ? ? 1_555 A C 17 N4 ? ? A G 5 A C 17 1_555 ? ? ? ? ? ? WATSON-CRICK  ? ? ? 
hydrog15 hydrog ? ? A G 6 N1 ? ? ? 1_555 A C 16 N3 ? ? A G 6 A C 16 1_555 ? ? ? ? ? ? WATSON-CRICK  ? ? ? 
hydrog16 hydrog ? ? A G 6 N2 ? ? ? 1_555 A C 16 O2 ? ? A G 6 A C 16 1_555 ? ? ? ? ? ? WATSON-CRICK  ? ? ? 
hydrog17 hydrog ? ? A G 6 O6 ? ? ? 1_555 A C 16 N4 ? ? A G 6 A C 16 1_555 ? ? ? ? ? ? WATSON-CRICK  ? ? ? 
hydrog18 hydrog ? ? A G 7 N1 ? ? ? 1_555 A C 15 N3 ? ? A G 7 A C 15 1_555 ? ? ? ? ? ? WATSON-CRICK  ? ? ? 
hydrog19 hydrog ? ? A G 7 N2 ? ? ? 1_555 A C 15 O2 ? ? A G 7 A C 15 1_555 ? ? ? ? ? ? WATSON-CRICK  ? ? ? 
hydrog20 hydrog ? ? A G 7 O6 ? ? ? 1_555 A C 15 N4 ? ? A G 7 A C 15 1_555 ? ? ? ? ? ? WATSON-CRICK  ? ? ? 
hydrog21 hydrog ? ? A C 8 O2 ? ? ? 1_555 A A 13 N6 ? ? A C 8 A A 13 1_555 ? ? ? ? ? ? 'C-A MISPAIR' ? ? ? 
# 
_struct_conn_type.id          hydrog 
_struct_conn_type.criteria    ? 
_struct_conn_type.reference   ? 
# 
_pdbx_nmr_ensemble.entry_id                             1SZY 
_pdbx_nmr_ensemble.conformers_calculated_total_number   ? 
_pdbx_nmr_ensemble.conformers_submitted_total_number    1 
_pdbx_nmr_ensemble.conformer_selection_criteria         ? 
# 
_pdbx_nmr_sample_details.solution_id      1 
_pdbx_nmr_sample_details.contents         'S1 NMR buffer; 100mM KCl, 50mM NaCl, 4mM Na cacodylate, 0.2mM EDTA' 
_pdbx_nmr_sample_details.solvent_system   ? 
# 
_pdbx_nmr_exptl_sample_conditions.conditions_id       1 
_pdbx_nmr_exptl_sample_conditions.temperature         303 
_pdbx_nmr_exptl_sample_conditions.pressure            ambient 
_pdbx_nmr_exptl_sample_conditions.pH                  6.5 
_pdbx_nmr_exptl_sample_conditions.ionic_strength      ? 
_pdbx_nmr_exptl_sample_conditions.pressure_units      ? 
_pdbx_nmr_exptl_sample_conditions.temperature_units   K 
# 
loop_
_pdbx_nmr_exptl.experiment_id 
_pdbx_nmr_exptl.solution_id 
_pdbx_nmr_exptl.conditions_id 
_pdbx_nmr_exptl.type 
1 1 1 '2D NOESY'                 
2 1 1 DQF-COSY                   
3 1 1 '13C-1H HSQC'              
4 1 1 TOCSY                      
5 1 1 'GE JRSE NOESY'            
6 1 1 '31P-1H COSY'              
7 1 1 '31P-1H heteroTOCSY'       
8 1 1 '31P-1H heteroTOCSY-NOESY' 
# 
_pdbx_nmr_details.entry_id   1SZY 
_pdbx_nmr_details.text       'See DCS dissertation p. 61.' 
# 
_pdbx_nmr_refine.entry_id           1SZY 
_pdbx_nmr_refine.method             'Distance geometry, simulated annealing' 
_pdbx_nmr_refine.details            
;RNA topology and parameters from Rife and Moore, NAR, 1996. Constraints in loop included 128 NOEs, 7 chi dihedrals inferred from NOEs, 20 v0-v4 ribose dihedrals, 8 a and z P dihedrals, 12 b and g P dihedrals and 7 e P dihedrals. Stem was constrained to A-form based on qualitative spectral analysis.
;
_pdbx_nmr_refine.software_ordinal   1 
# 
loop_
_pdbx_nmr_software.name 
_pdbx_nmr_software.version 
_pdbx_nmr_software.classification 
_pdbx_nmr_software.authors 
_pdbx_nmr_software.ordinal 
Felix  unknown processing           ? 1 
X-PLOR 3.1     'structure solution' ? 2 
X-PLOR 3.1     refinement           ? 3 
# 
loop_
_chem_comp_atom.comp_id 
_chem_comp_atom.atom_id 
_chem_comp_atom.type_symbol 
_chem_comp_atom.pdbx_aromatic_flag 
_chem_comp_atom.pdbx_stereo_config 
_chem_comp_atom.pdbx_ordinal 
A OP3    O N N 1   
A P      P N N 2   
A OP1    O N N 3   
A OP2    O N N 4   
A "O5'"  O N N 5   
A "C5'"  C N N 6   
A "C4'"  C N R 7   
A "O4'"  O N N 8   
A "C3'"  C N S 9   
A "O3'"  O N N 10  
A "C2'"  C N R 11  
A "O2'"  O N N 12  
A "C1'"  C N R 13  
A N9     N Y N 14  
A C8     C Y N 15  
A N7     N Y N 16  
A C5     C Y N 17  
A C6     C Y N 18  
A N6     N N N 19  
A N1     N Y N 20  
A C2     C Y N 21  
A N3     N Y N 22  
A C4     C Y N 23  
A HOP3   H N N 24  
A HOP2   H N N 25  
A "H5'"  H N N 26  
A "H5''" H N N 27  
A "H4'"  H N N 28  
A "H3'"  H N N 29  
A "HO3'" H N N 30  
A "H2'"  H N N 31  
A "HO2'" H N N 32  
A "H1'"  H N N 33  
A H8     H N N 34  
A H61    H N N 35  
A H62    H N N 36  
A H2     H N N 37  
C OP3    O N N 38  
C P      P N N 39  
C OP1    O N N 40  
C OP2    O N N 41  
C "O5'"  O N N 42  
C "C5'"  C N N 43  
C "C4'"  C N R 44  
C "O4'"  O N N 45  
C "C3'"  C N S 46  
C "O3'"  O N N 47  
C "C2'"  C N R 48  
C "O2'"  O N N 49  
C "C1'"  C N R 50  
C N1     N N N 51  
C C2     C N N 52  
C O2     O N N 53  
C N3     N N N 54  
C C4     C N N 55  
C N4     N N N 56  
C C5     C N N 57  
C C6     C N N 58  
C HOP3   H N N 59  
C HOP2   H N N 60  
C "H5'"  H N N 61  
C "H5''" H N N 62  
C "H4'"  H N N 63  
C "H3'"  H N N 64  
C "HO3'" H N N 65  
C "H2'"  H N N 66  
C "HO2'" H N N 67  
C "H1'"  H N N 68  
C H41    H N N 69  
C H42    H N N 70  
C H5     H N N 71  
C H6     H N N 72  
G OP3    O N N 73  
G P      P N N 74  
G OP1    O N N 75  
G OP2    O N N 76  
G "O5'"  O N N 77  
G "C5'"  C N N 78  
G "C4'"  C N R 79  
G "O4'"  O N N 80  
G "C3'"  C N S 81  
G "O3'"  O N N 82  
G "C2'"  C N R 83  
G "O2'"  O N N 84  
G "C1'"  C N R 85  
G N9     N Y N 86  
G C8     C Y N 87  
G N7     N Y N 88  
G C5     C Y N 89  
G C6     C N N 90  
G O6     O N N 91  
G N1     N N N 92  
G C2     C N N 93  
G N2     N N N 94  
G N3     N N N 95  
G C4     C Y N 96  
G HOP3   H N N 97  
G HOP2   H N N 98  
G "H5'"  H N N 99  
G "H5''" H N N 100 
G "H4'"  H N N 101 
G "H3'"  H N N 102 
G "HO3'" H N N 103 
G "H2'"  H N N 104 
G "HO2'" H N N 105 
G "H1'"  H N N 106 
G H8     H N N 107 
G H1     H N N 108 
G H21    H N N 109 
G H22    H N N 110 
U OP3    O N N 111 
U P      P N N 112 
U OP1    O N N 113 
U OP2    O N N 114 
U "O5'"  O N N 115 
U "C5'"  C N N 116 
U "C4'"  C N R 117 
U "O4'"  O N N 118 
U "C3'"  C N S 119 
U "O3'"  O N N 120 
U "C2'"  C N R 121 
U "O2'"  O N N 122 
U "C1'"  C N R 123 
U N1     N N N 124 
U C2     C N N 125 
U O2     O N N 126 
U N3     N N N 127 
U C4     C N N 128 
U O4     O N N 129 
U C5     C N N 130 
U C6     C N N 131 
U HOP3   H N N 132 
U HOP2   H N N 133 
U "H5'"  H N N 134 
U "H5''" H N N 135 
U "H4'"  H N N 136 
U "H3'"  H N N 137 
U "HO3'" H N N 138 
U "H2'"  H N N 139 
U "HO2'" H N N 140 
U "H1'"  H N N 141 
U H3     H N N 142 
U H5     H N N 143 
U H6     H N N 144 
# 
loop_
_chem_comp_bond.comp_id 
_chem_comp_bond.atom_id_1 
_chem_comp_bond.atom_id_2 
_chem_comp_bond.value_order 
_chem_comp_bond.pdbx_aromatic_flag 
_chem_comp_bond.pdbx_stereo_config 
_chem_comp_bond.pdbx_ordinal 
A OP3   P      sing N N 1   
A OP3   HOP3   sing N N 2   
A P     OP1    doub N N 3   
A P     OP2    sing N N 4   
A P     "O5'"  sing N N 5   
A OP2   HOP2   sing N N 6   
A "O5'" "C5'"  sing N N 7   
A "C5'" "C4'"  sing N N 8   
A "C5'" "H5'"  sing N N 9   
A "C5'" "H5''" sing N N 10  
A "C4'" "O4'"  sing N N 11  
A "C4'" "C3'"  sing N N 12  
A "C4'" "H4'"  sing N N 13  
A "O4'" "C1'"  sing N N 14  
A "C3'" "O3'"  sing N N 15  
A "C3'" "C2'"  sing N N 16  
A "C3'" "H3'"  sing N N 17  
A "O3'" "HO3'" sing N N 18  
A "C2'" "O2'"  sing N N 19  
A "C2'" "C1'"  sing N N 20  
A "C2'" "H2'"  sing N N 21  
A "O2'" "HO2'" sing N N 22  
A "C1'" N9     sing N N 23  
A "C1'" "H1'"  sing N N 24  
A N9    C8     sing Y N 25  
A N9    C4     sing Y N 26  
A C8    N7     doub Y N 27  
A C8    H8     sing N N 28  
A N7    C5     sing Y N 29  
A C5    C6     sing Y N 30  
A C5    C4     doub Y N 31  
A C6    N6     sing N N 32  
A C6    N1     doub Y N 33  
A N6    H61    sing N N 34  
A N6    H62    sing N N 35  
A N1    C2     sing Y N 36  
A C2    N3     doub Y N 37  
A C2    H2     sing N N 38  
A N3    C4     sing Y N 39  
C OP3   P      sing N N 40  
C OP3   HOP3   sing N N 41  
C P     OP1    doub N N 42  
C P     OP2    sing N N 43  
C P     "O5'"  sing N N 44  
C OP2   HOP2   sing N N 45  
C "O5'" "C5'"  sing N N 46  
C "C5'" "C4'"  sing N N 47  
C "C5'" "H5'"  sing N N 48  
C "C5'" "H5''" sing N N 49  
C "C4'" "O4'"  sing N N 50  
C "C4'" "C3'"  sing N N 51  
C "C4'" "H4'"  sing N N 52  
C "O4'" "C1'"  sing N N 53  
C "C3'" "O3'"  sing N N 54  
C "C3'" "C2'"  sing N N 55  
C "C3'" "H3'"  sing N N 56  
C "O3'" "HO3'" sing N N 57  
C "C2'" "O2'"  sing N N 58  
C "C2'" "C1'"  sing N N 59  
C "C2'" "H2'"  sing N N 60  
C "O2'" "HO2'" sing N N 61  
C "C1'" N1     sing N N 62  
C "C1'" "H1'"  sing N N 63  
C N1    C2     sing N N 64  
C N1    C6     sing N N 65  
C C2    O2     doub N N 66  
C C2    N3     sing N N 67  
C N3    C4     doub N N 68  
C C4    N4     sing N N 69  
C C4    C5     sing N N 70  
C N4    H41    sing N N 71  
C N4    H42    sing N N 72  
C C5    C6     doub N N 73  
C C5    H5     sing N N 74  
C C6    H6     sing N N 75  
G OP3   P      sing N N 76  
G OP3   HOP3   sing N N 77  
G P     OP1    doub N N 78  
G P     OP2    sing N N 79  
G P     "O5'"  sing N N 80  
G OP2   HOP2   sing N N 81  
G "O5'" "C5'"  sing N N 82  
G "C5'" "C4'"  sing N N 83  
G "C5'" "H5'"  sing N N 84  
G "C5'" "H5''" sing N N 85  
G "C4'" "O4'"  sing N N 86  
G "C4'" "C3'"  sing N N 87  
G "C4'" "H4'"  sing N N 88  
G "O4'" "C1'"  sing N N 89  
G "C3'" "O3'"  sing N N 90  
G "C3'" "C2'"  sing N N 91  
G "C3'" "H3'"  sing N N 92  
G "O3'" "HO3'" sing N N 93  
G "C2'" "O2'"  sing N N 94  
G "C2'" "C1'"  sing N N 95  
G "C2'" "H2'"  sing N N 96  
G "O2'" "HO2'" sing N N 97  
G "C1'" N9     sing N N 98  
G "C1'" "H1'"  sing N N 99  
G N9    C8     sing Y N 100 
G N9    C4     sing Y N 101 
G C8    N7     doub Y N 102 
G C8    H8     sing N N 103 
G N7    C5     sing Y N 104 
G C5    C6     sing N N 105 
G C5    C4     doub Y N 106 
G C6    O6     doub N N 107 
G C6    N1     sing N N 108 
G N1    C2     sing N N 109 
G N1    H1     sing N N 110 
G C2    N2     sing N N 111 
G C2    N3     doub N N 112 
G N2    H21    sing N N 113 
G N2    H22    sing N N 114 
G N3    C4     sing N N 115 
U OP3   P      sing N N 116 
U OP3   HOP3   sing N N 117 
U P     OP1    doub N N 118 
U P     OP2    sing N N 119 
U P     "O5'"  sing N N 120 
U OP2   HOP2   sing N N 121 
U "O5'" "C5'"  sing N N 122 
U "C5'" "C4'"  sing N N 123 
U "C5'" "H5'"  sing N N 124 
U "C5'" "H5''" sing N N 125 
U "C4'" "O4'"  sing N N 126 
U "C4'" "C3'"  sing N N 127 
U "C4'" "H4'"  sing N N 128 
U "O4'" "C1'"  sing N N 129 
U "C3'" "O3'"  sing N N 130 
U "C3'" "C2'"  sing N N 131 
U "C3'" "H3'"  sing N N 132 
U "O3'" "HO3'" sing N N 133 
U "C2'" "O2'"  sing N N 134 
U "C2'" "C1'"  sing N N 135 
U "C2'" "H2'"  sing N N 136 
U "O2'" "HO2'" sing N N 137 
U "C1'" N1     sing N N 138 
U "C1'" "H1'"  sing N N 139 
U N1    C2     sing N N 140 
U N1    C6     sing N N 141 
U C2    O2     doub N N 142 
U C2    N3     sing N N 143 
U N3    C4     sing N N 144 
U N3    H3     sing N N 145 
U C4    O4     doub N N 146 
U C4    C5     sing N N 147 
U C5    C6     doub N N 148 
U C5    H5     sing N N 149 
U C6    H6     sing N N 150 
# 
loop_
_ndb_struct_conf_na.entry_id 
_ndb_struct_conf_na.feature 
1SZY 'a-form double helix' 
1SZY 'hairpin loop'        
# 
loop_
_ndb_struct_na_base_pair.model_number 
_ndb_struct_na_base_pair.i_label_asym_id 
_ndb_struct_na_base_pair.i_label_comp_id 
_ndb_struct_na_base_pair.i_label_seq_id 
_ndb_struct_na_base_pair.i_symmetry 
_ndb_struct_na_base_pair.j_label_asym_id 
_ndb_struct_na_base_pair.j_label_comp_id 
_ndb_struct_na_base_pair.j_label_seq_id 
_ndb_struct_na_base_pair.j_symmetry 
_ndb_struct_na_base_pair.shear 
_ndb_struct_na_base_pair.stretch 
_ndb_struct_na_base_pair.stagger 
_ndb_struct_na_base_pair.buckle 
_ndb_struct_na_base_pair.propeller 
_ndb_struct_na_base_pair.opening 
_ndb_struct_na_base_pair.pair_number 
_ndb_struct_na_base_pair.pair_name 
_ndb_struct_na_base_pair.i_auth_asym_id 
_ndb_struct_na_base_pair.i_auth_seq_id 
_ndb_struct_na_base_pair.i_PDB_ins_code 
_ndb_struct_na_base_pair.j_auth_asym_id 
_ndb_struct_na_base_pair.j_auth_seq_id 
_ndb_struct_na_base_pair.j_PDB_ins_code 
_ndb_struct_na_base_pair.hbond_type_28 
_ndb_struct_na_base_pair.hbond_type_12 
1 A G 1 1_555 A C 21 1_555 -0.157 -0.170 0.029  -2.474  5.661  -1.786  1 A_G1:C21_A A 1 ? A 21 ? 19 1 
1 A G 2 1_555 A C 20 1_555 -0.233 -0.191 -0.081 -1.977  9.116  -2.098  2 A_G2:C20_A A 2 ? A 20 ? 19 1 
1 A C 3 1_555 A G 19 1_555 0.264  -0.202 -0.119 2.219   8.708  -2.735  3 A_C3:G19_A A 3 ? A 19 ? 19 1 
1 A A 4 1_555 A U 18 1_555 -0.079 -0.145 -0.085 -1.973  8.848  -3.960  4 A_A4:U18_A A 4 ? A 18 ? 20 1 
1 A G 5 1_555 A C 17 1_555 -0.248 -0.171 -0.029 -2.294  9.326  -2.498  5 A_G5:C17_A A 5 ? A 17 ? 19 1 
1 A G 6 1_555 A C 16 1_555 -0.100 -0.171 -0.067 -1.786  8.761  -1.878  6 A_G6:C16_A A 6 ? A 16 ? 19 1 
1 A G 7 1_555 A C 15 1_555 -0.253 -0.172 0.034  -4.487  5.066  -2.177  7 A_G7:C15_A A 7 ? A 15 ? 19 1 
1 A C 8 1_555 A A 13 1_555 5.566  -1.219 -0.945 -11.770 33.778 -21.749 8 A_C8:A13_A A 8 ? A 13 ? ?  ? 
# 
loop_
_ndb_struct_na_base_pair_step.model_number 
_ndb_struct_na_base_pair_step.i_label_asym_id_1 
_ndb_struct_na_base_pair_step.i_label_comp_id_1 
_ndb_struct_na_base_pair_step.i_label_seq_id_1 
_ndb_struct_na_base_pair_step.i_symmetry_1 
_ndb_struct_na_base_pair_step.j_label_asym_id_1 
_ndb_struct_na_base_pair_step.j_label_comp_id_1 
_ndb_struct_na_base_pair_step.j_label_seq_id_1 
_ndb_struct_na_base_pair_step.j_symmetry_1 
_ndb_struct_na_base_pair_step.i_label_asym_id_2 
_ndb_struct_na_base_pair_step.i_label_comp_id_2 
_ndb_struct_na_base_pair_step.i_label_seq_id_2 
_ndb_struct_na_base_pair_step.i_symmetry_2 
_ndb_struct_na_base_pair_step.j_label_asym_id_2 
_ndb_struct_na_base_pair_step.j_label_comp_id_2 
_ndb_struct_na_base_pair_step.j_label_seq_id_2 
_ndb_struct_na_base_pair_step.j_symmetry_2 
_ndb_struct_na_base_pair_step.shift 
_ndb_struct_na_base_pair_step.slide 
_ndb_struct_na_base_pair_step.rise 
_ndb_struct_na_base_pair_step.tilt 
_ndb_struct_na_base_pair_step.roll 
_ndb_struct_na_base_pair_step.twist 
_ndb_struct_na_base_pair_step.x_displacement 
_ndb_struct_na_base_pair_step.y_displacement 
_ndb_struct_na_base_pair_step.helical_rise 
_ndb_struct_na_base_pair_step.inclination 
_ndb_struct_na_base_pair_step.tip 
_ndb_struct_na_base_pair_step.helical_twist 
_ndb_struct_na_base_pair_step.step_number 
_ndb_struct_na_base_pair_step.step_name 
_ndb_struct_na_base_pair_step.i_auth_asym_id_1 
_ndb_struct_na_base_pair_step.i_auth_seq_id_1 
_ndb_struct_na_base_pair_step.i_PDB_ins_code_1 
_ndb_struct_na_base_pair_step.j_auth_asym_id_1 
_ndb_struct_na_base_pair_step.j_auth_seq_id_1 
_ndb_struct_na_base_pair_step.j_PDB_ins_code_1 
_ndb_struct_na_base_pair_step.i_auth_asym_id_2 
_ndb_struct_na_base_pair_step.i_auth_seq_id_2 
_ndb_struct_na_base_pair_step.i_PDB_ins_code_2 
_ndb_struct_na_base_pair_step.j_auth_asym_id_2 
_ndb_struct_na_base_pair_step.j_auth_seq_id_2 
_ndb_struct_na_base_pair_step.j_PDB_ins_code_2 
1 A G 1 1_555 A C 21 1_555 A G 2 1_555 A C 20 1_555 0.039  -1.651 3.305 -0.608 11.422 31.028 -4.697 -0.164 2.553 20.498 1.092  
33.020 1 AA_G1G2:C20C21_AA A 1 ? A 21 ? A 2 ? A 20 ? 
1 A G 2 1_555 A C 20 1_555 A C 3 1_555 A G 19 1_555 -0.052 -1.611 3.208 0.479  9.872  33.708 -4.024 0.152  2.645 16.586 -0.805 
35.086 2 AA_G2C3:G19C20_AA A 2 ? A 20 ? A 3 ? A 19 ? 
1 A C 3 1_555 A G 19 1_555 A A 4 1_555 A U 18 1_555 -0.098 -1.748 3.555 0.147  12.748 28.857 -5.552 0.207  2.571 24.147 -0.278 
31.493 3 AA_C3A4:U18G19_AA A 3 ? A 19 ? A 4 ? A 18 ? 
1 A A 4 1_555 A U 18 1_555 A G 5 1_555 A C 17 1_555 0.168  -1.774 3.430 -0.815 9.748  29.609 -5.098 -0.464 2.717 18.451 1.543  
31.149 4 AA_A4G5:C17U18_AA A 4 ? A 18 ? A 5 ? A 17 ? 
1 A G 5 1_555 A C 17 1_555 A G 6 1_555 A C 16 1_555 0.048  -1.638 3.386 -0.237 10.655 30.702 -4.717 -0.125 2.682 19.404 0.431  
32.457 5 AA_G5G6:C16C17_AA A 5 ? A 17 ? A 6 ? A 16 ? 
1 A G 6 1_555 A C 16 1_555 A G 7 1_555 A C 15 1_555 0.166  -1.677 3.473 -0.447 10.275 31.300 -4.686 -0.368 2.795 18.431 0.801  
32.906 6 AA_G6G7:C15C16_AA A 6 ? A 16 ? A 7 ? A 15 ? 
1 A G 7 1_555 A C 15 1_555 A C 8 1_555 A A 13 1_555 0.190  -1.792 5.845 -6.553 7.327  69.020 -2.034 -0.582 5.620 6.433  5.754  
69.631 7 AA_G7C8:A13C15_AA A 7 ? A 15 ? A 8 ? A 13 ? 
# 
loop_
_pdbx_nmr_spectrometer.spectrometer_id 
_pdbx_nmr_spectrometer.type 
_pdbx_nmr_spectrometer.manufacturer 
_pdbx_nmr_spectrometer.model 
_pdbx_nmr_spectrometer.field_strength 
1 ? Yale   homebuilt 490 
2 ? Bruker AM        500 
3 ? GE     OMEGA     500 
4 ? Varian UNITY     500 
5 ? Varian UNITYPLUS 600 
# 
_atom_sites.entry_id                    1SZY 
_atom_sites.fract_transf_matrix[1][1]   1.000000 
_atom_sites.fract_transf_matrix[1][2]   0.000000 
_atom_sites.fract_transf_matrix[1][3]   0.000000 
_atom_sites.fract_transf_matrix[2][1]   0.000000 
_atom_sites.fract_transf_matrix[2][2]   1.000000 
_atom_sites.fract_transf_matrix[2][3]   0.000000 
_atom_sites.fract_transf_matrix[3][1]   0.000000 
_atom_sites.fract_transf_matrix[3][2]   0.000000 
_atom_sites.fract_transf_matrix[3][3]   1.000000 
_atom_sites.fract_transf_vector[1]      0.00000 
_atom_sites.fract_transf_vector[2]      0.00000 
_atom_sites.fract_transf_vector[3]      0.00000 
# 
loop_
_atom_type.symbol 
C 
H 
N 
O 
P 
# 
loop_
_atom_site.group_PDB 
_atom_site.id 
_atom_site.type_symbol 
_atom_site.label_atom_id 
_atom_site.label_alt_id 
_atom_site.label_comp_id 
_atom_site.label_asym_id 
_atom_site.label_entity_id 
_atom_site.label_seq_id 
_atom_site.pdbx_PDB_ins_code 
_atom_site.Cartn_x 
_atom_site.Cartn_y 
_atom_site.Cartn_z 
_atom_site.occupancy 
_atom_site.B_iso_or_equiv 
_atom_site.pdbx_formal_charge 
_atom_site.auth_seq_id 
_atom_site.auth_comp_id 
_atom_site.auth_asym_id 
_atom_site.auth_atom_id 
_atom_site.pdbx_PDB_model_num 
ATOM 1   O OP3    . G A 1 1  ? -3.493  -2.115  -10.866 1.00 1.42 ? 1  G A OP3    1 
ATOM 2   P P      . G A 1 1  ? -3.131  -3.130  -12.039 1.00 0.44 ? 1  G A P      1 
ATOM 3   O OP1    . G A 1 1  ? -3.345  -2.436  -13.335 1.00 1.36 ? 1  G A OP1    1 
ATOM 4   O OP2    . G A 1 1  ? -1.805  -3.725  -11.736 1.00 1.55 ? 1  G A OP2    1 
ATOM 5   O "O5'"  . G A 1 1  ? -4.244  -4.260  -11.871 1.00 0.15 ? 1  G A "O5'"  1 
ATOM 6   C "C5'"  . G A 1 1  ? -5.351  -4.351  -12.770 1.00 0.16 ? 1  G A "C5'"  1 
ATOM 7   C "C4'"  . G A 1 1  ? -6.377  -5.318  -12.230 1.00 0.17 ? 1  G A "C4'"  1 
ATOM 8   O "O4'"  . G A 1 1  ? -5.900  -6.675  -12.424 1.00 0.15 ? 1  G A "O4'"  1 
ATOM 9   C "C3'"  . G A 1 1  ? -6.628  -5.231  -10.732 1.00 0.18 ? 1  G A "C3'"  1 
ATOM 10  O "O3'"  . G A 1 1  ? -7.553  -4.196  -10.425 1.00 0.21 ? 1  G A "O3'"  1 
ATOM 11  C "C2'"  . G A 1 1  ? -7.168  -6.618  -10.412 1.00 0.19 ? 1  G A "C2'"  1 
ATOM 12  O "O2'"  . G A 1 1  ? -8.528  -6.738  -10.787 1.00 0.22 ? 1  G A "O2'"  1 
ATOM 13  C "C1'"  . G A 1 1  ? -6.327  -7.490  -11.347 1.00 0.16 ? 1  G A "C1'"  1 
ATOM 14  N N9     . G A 1 1  ? -5.149  -8.068  -10.709 1.00 0.15 ? 1  G A N9     1 
ATOM 15  C C8     . G A 1 1  ? -3.841  -7.679  -10.868 1.00 0.13 ? 1  G A C8     1 
ATOM 16  N N7     . G A 1 1  ? -3.001  -8.397  -10.172 1.00 0.12 ? 1  G A N7     1 
ATOM 17  C C5     . G A 1 1  ? -3.805  -9.316  -9.510  1.00 0.14 ? 1  G A C5     1 
ATOM 18  C C6     . G A 1 1  ? -3.461  -10.361 -8.611  1.00 0.15 ? 1  G A C6     1 
ATOM 19  O O6     . G A 1 1  ? -2.341  -10.696 -8.209  1.00 0.15 ? 1  G A O6     1 
ATOM 20  N N1     . G A 1 1  ? -4.588  -11.050 -8.174  1.00 0.18 ? 1  G A N1     1 
ATOM 21  C C2     . G A 1 1  ? -5.877  -10.768 -8.549  1.00 0.20 ? 1  G A C2     1 
ATOM 22  N N2     . G A 1 1  ? -6.825  -11.528 -8.000  1.00 0.23 ? 1  G A N2     1 
ATOM 23  N N3     . G A 1 1  ? -6.210  -9.807  -9.391  1.00 0.19 ? 1  G A N3     1 
ATOM 24  C C4     . G A 1 1  ? -5.133  -9.124  -9.828  1.00 0.16 ? 1  G A C4     1 
ATOM 25  H "H5'"  . G A 1 1  ? -5.009  -4.698  -13.744 1.00 0.15 ? 1  G A "H5'"  1 
ATOM 26  H "H5''" . G A 1 1  ? -5.815  -3.372  -12.885 1.00 0.20 ? 1  G A "H5''" 1 
ATOM 27  H "H4'"  . G A 1 1  ? -7.327  -5.111  -12.724 1.00 0.19 ? 1  G A "H4'"  1 
ATOM 28  H "H3'"  . G A 1 1  ? -5.713  -4.998  -10.185 1.00 0.16 ? 1  G A "H3'"  1 
ATOM 29  H "H2'"  . G A 1 1  ? -6.996  -6.869  -9.364  1.00 0.19 ? 1  G A "H2'"  1 
ATOM 30  H "HO2'" . G A 1 1  ? -8.638  -6.265  -11.612 1.00 0.21 ? 1  G A "HO2'" 1 
ATOM 31  H "H1'"  . G A 1 1  ? -6.910  -8.304  -11.779 1.00 0.18 ? 1  G A "H1'"  1 
ATOM 32  H H8     . G A 1 1  ? -3.537  -6.861  -11.502 1.00 0.12 ? 1  G A H8     1 
ATOM 33  H H1     . G A 1 1  ? -4.445  -11.819 -7.535  1.00 0.19 ? 1  G A H1     1 
ATOM 34  H H21    . G A 1 1  ? -6.565  -12.258 -7.354  1.00 0.24 ? 1  G A H21    1 
ATOM 35  H H22    . G A 1 1  ? -7.796  -11.369 -8.229  1.00 0.25 ? 1  G A H22    1 
ATOM 36  H "HO5'" . G A 1 1  ? -4.180  -2.542  -10.348 1.00 1.67 ? 1  G A "HO5'" 1 
ATOM 37  P P      . G A 1 2  ? -7.419  -3.391  -9.040  1.00 0.23 ? 2  G A P      1 
ATOM 38  O OP1    . G A 1 2  ? -8.345  -2.231  -9.087  1.00 1.24 ? 2  G A OP1    1 
ATOM 39  O OP2    . G A 1 2  ? -5.971  -3.163  -8.803  1.00 1.23 ? 2  G A OP2    1 
ATOM 40  O "O5'"  . G A 1 2  ? -7.955  -4.419  -7.947  1.00 0.24 ? 2  G A "O5'"  1 
ATOM 41  C "C5'"  . G A 1 2  ? -9.278  -4.940  -8.031  1.00 0.27 ? 2  G A "C5'"  1 
ATOM 42  C "C4'"  . G A 1 2  ? -9.498  -6.001  -6.976  1.00 0.28 ? 2  G A "C4'"  1 
ATOM 43  O "O4'"  . G A 1 2  ? -8.780  -7.209  -7.342  1.00 0.25 ? 2  G A "O4'"  1 
ATOM 44  C "C3'"  . G A 1 2  ? -8.971  -5.690  -5.583  1.00 0.28 ? 2  G A "C3'"  1 
ATOM 45  O "O3'"  . G A 1 2  ? -9.846  -4.827  -4.862  1.00 0.32 ? 2  G A "O3'"  1 
ATOM 46  C "C2'"  . G A 1 2  ? -8.875  -7.080  -4.969  1.00 0.28 ? 2  G A "C2'"  1 
ATOM 47  O "O2'"  . G A 1 2  ? -10.148 -7.565  -4.581  1.00 0.32 ? 2  G A "O2'"  1 
ATOM 48  C "C1'"  . G A 1 2  ? -8.387  -7.898  -6.167  1.00 0.25 ? 2  G A "C1'"  1 
ATOM 49  N N9     . G A 1 2  ? -6.939  -8.084  -6.198  1.00 0.22 ? 2  G A N9     1 
ATOM 50  C C8     . G A 1 2  ? -6.028  -7.432  -6.992  1.00 0.19 ? 2  G A C8     1 
ATOM 51  N N7     . G A 1 2  ? -4.798  -7.817  -6.788  1.00 0.17 ? 2  G A N7     1 
ATOM 52  C C5     . G A 1 2  ? -4.904  -8.785  -5.797  1.00 0.18 ? 2  G A C5     1 
ATOM 53  C C6     . G A 1 2  ? -3.903  -9.570  -5.163  1.00 0.17 ? 2  G A C6     1 
ATOM 54  O O6     . G A 1 2  ? -2.684  -9.573  -5.363  1.00 0.14 ? 2  G A O6     1 
ATOM 55  N N1     . G A 1 2  ? -4.451  -10.423 -4.210  1.00 0.20 ? 2  G A N1     1 
ATOM 56  C C2     . G A 1 2  ? -5.787  -10.511 -3.908  1.00 0.23 ? 2  G A C2     1 
ATOM 57  N N2     . G A 1 2  ? -6.123  -11.375 -2.949  1.00 0.25 ? 2  G A N2     1 
ATOM 58  N N3     . G A 1 2  ? -6.728  -9.797  -4.499  1.00 0.24 ? 2  G A N3     1 
ATOM 59  C C4     . G A 1 2  ? -6.219  -8.960  -5.423  1.00 0.21 ? 2  G A C4     1 
ATOM 60  H "H5'"  . G A 1 2  ? -9.437  -5.379  -9.017  1.00 0.25 ? 2  G A "H5'"  1 
ATOM 61  H "H5''" . G A 1 2  ? -9.998  -4.138  -7.880  1.00 0.29 ? 2  G A "H5''" 1 
ATOM 62  H "H4'"  . G A 1 2  ? -10.572 -6.150  -6.880  1.00 0.30 ? 2  G A "H4'"  1 
ATOM 63  H "H3'"  . G A 1 2  ? -8.006  -5.183  -5.621  1.00 0.26 ? 2  G A "H3'"  1 
ATOM 64  H "H2'"  . G A 1 2  ? -8.154  -7.093  -4.153  1.00 0.27 ? 2  G A "H2'"  1 
ATOM 65  H "HO2'" . G A 1 2  ? -10.766 -7.335  -5.276  1.00 0.32 ? 2  G A "HO2'" 1 
ATOM 66  H "H1'"  . G A 1 2  ? -8.853  -8.883  -6.205  1.00 0.27 ? 2  G A "H1'"  1 
ATOM 67  H H8     . G A 1 2  ? -6.302  -6.675  -7.713  1.00 0.19 ? 2  G A H8     1 
ATOM 68  H H1     . G A 1 2  ? -3.812  -11.023 -3.703  1.00 0.19 ? 2  G A H1     1 
ATOM 69  H H21    . G A 1 2  ? -5.411  -11.922 -2.493  1.00 0.25 ? 2  G A H21    1 
ATOM 70  H H22    . G A 1 2  ? -7.093  -11.472 -2.684  1.00 0.28 ? 2  G A H22    1 
ATOM 71  P P      . C A 1 3  ? -9.266  -3.917  -3.669  1.00 0.34 ? 3  C A P      1 
ATOM 72  O OP1    . C A 1 3  ? -10.362 -3.017  -3.228  1.00 0.40 ? 3  C A OP1    1 
ATOM 73  O OP2    . C A 1 3  ? -7.971  -3.336  -4.106  1.00 0.30 ? 3  C A OP2    1 
ATOM 74  O "O5'"  . C A 1 3  ? -8.976  -4.955  -2.495  1.00 0.34 ? 3  C A "O5'"  1 
ATOM 75  C "C5'"  . C A 1 3  ? -10.037 -5.691  -1.893  1.00 0.36 ? 3  C A "C5'"  1 
ATOM 76  C "C4'"  . C A 1 3  ? -9.494  -6.625  -0.836  1.00 0.35 ? 3  C A "C4'"  1 
ATOM 77  O "O4'"  . C A 1 3  ? -8.721  -7.676  -1.475  1.00 0.32 ? 3  C A "O4'"  1 
ATOM 78  C "C3'"  . C A 1 3  ? -8.519  -6.009  0.156   1.00 0.34 ? 3  C A "C3'"  1 
ATOM 79  O "O3'"  . C A 1 3  ? -9.199  -5.324  1.204   1.00 0.37 ? 3  C A "O3'"  1 
ATOM 80  C "C2'"  . C A 1 3  ? -7.752  -7.230  0.651   1.00 0.32 ? 3  C A "C2'"  1 
ATOM 81  O "O2'"  . C A 1 3  ? -8.513  -7.966  1.591   1.00 0.34 ? 3  C A "O2'"  1 
ATOM 82  C "C1'"  . C A 1 3  ? -7.643  -8.054  -0.634  1.00 0.30 ? 3  C A "C1'"  1 
ATOM 83  N N1     . C A 1 3  ? -6.381  -7.853  -1.369  1.00 0.26 ? 3  C A N1     1 
ATOM 84  C C2     . C A 1 3  ? -5.226  -8.509  -0.926  1.00 0.24 ? 3  C A C2     1 
ATOM 85  O O2     . C A 1 3  ? -5.296  -9.245  0.069   1.00 0.26 ? 3  C A O2     1 
ATOM 86  N N3     . C A 1 3  ? -4.065  -8.323  -1.593  1.00 0.21 ? 3  C A N3     1 
ATOM 87  C C4     . C A 1 3  ? -4.029  -7.524  -2.662  1.00 0.20 ? 3  C A C4     1 
ATOM 88  N N4     . C A 1 3  ? -2.863  -7.380  -3.293  1.00 0.17 ? 3  C A N4     1 
ATOM 89  C C5     . C A 1 3  ? -5.189  -6.842  -3.135  1.00 0.22 ? 3  C A C5     1 
ATOM 90  C C6     . C A 1 3  ? -6.333  -7.037  -2.466  1.00 0.25 ? 3  C A C6     1 
ATOM 91  H "H5'"  . C A 1 3  ? -10.558 -6.275  -2.653  1.00 0.37 ? 3  C A "H5'"  1 
ATOM 92  H "H5''" . C A 1 3  ? -10.744 -5.006  -1.427  1.00 0.39 ? 3  C A "H5''" 1 
ATOM 93  H "H4'"  . C A 1 3  ? -10.339 -6.999  -0.259  1.00 0.38 ? 3  C A "H4'"  1 
ATOM 94  H "H3'"  . C A 1 3  ? -7.872  -5.273  -0.318  1.00 0.32 ? 3  C A "H3'"  1 
ATOM 95  H "H2'"  . C A 1 3  ? -6.771  -6.942  1.032   1.00 0.29 ? 3  C A "H2'"  1 
ATOM 96  H "HO2'" . C A 1 3  ? -9.406  -8.016  1.251   1.00 0.36 ? 3  C A "HO2'" 1 
ATOM 97  H "H1'"  . C A 1 3  ? -7.755  -9.121  -0.443  1.00 0.31 ? 3  C A "H1'"  1 
ATOM 98  H H41    . C A 1 3  ? -2.051  -7.869  -2.947  1.00 0.15 ? 3  C A H41    1 
ATOM 99  H H42    . C A 1 3  ? -2.781  -6.793  -4.109  1.00 0.16 ? 3  C A H42    1 
ATOM 100 H H5     . C A 1 3  ? -5.147  -6.189  -4.006  1.00 0.21 ? 3  C A H5     1 
ATOM 101 H H6     . C A 1 3  ? -7.239  -6.539  -2.808  1.00 0.27 ? 3  C A H6     1 
ATOM 102 P P      . A A 1 4  ? -8.488  -4.084  1.939   1.00 0.38 ? 4  A A P      1 
ATOM 103 O OP1    . A A 1 4  ? -9.503  -3.403  2.785   1.00 0.43 ? 4  A A OP1    1 
ATOM 104 O OP2    . A A 1 4  ? -7.757  -3.309  0.906   1.00 0.35 ? 4  A A OP2    1 
ATOM 105 O "O5'"  . A A 1 4  ? -7.414  -4.769  2.897   1.00 0.35 ? 4  A A "O5'"  1 
ATOM 106 C "C5'"  . A A 1 4  ? -7.816  -5.708  3.892   1.00 0.36 ? 4  A A "C5'"  1 
ATOM 107 C "C4'"  . A A 1 4  ? -6.605  -6.291  4.584   1.00 0.32 ? 4  A A "C4'"  1 
ATOM 108 O "O4'"  . A A 1 4  ? -5.905  -7.176  3.670   1.00 0.29 ? 4  A A "O4'"  1 
ATOM 109 C "C3'"  . A A 1 4  ? -5.538  -5.293  5.006   1.00 0.30 ? 4  A A "C3'"  1 
ATOM 110 O "O3'"  . A A 1 4  ? -5.873  -4.659  6.237   1.00 0.31 ? 4  A A "O3'"  1 
ATOM 111 C "C2'"  . A A 1 4  ? -4.300  -6.175  5.113   1.00 0.26 ? 4  A A "C2'"  1 
ATOM 112 O "O2'"  . A A 1 4  ? -4.303  -6.925  6.314   1.00 0.27 ? 4  A A "O2'"  1 
ATOM 113 C "C1'"  . A A 1 4  ? -4.514  -7.136  3.941   1.00 0.26 ? 4  A A "C1'"  1 
ATOM 114 N N9     . A A 1 4  ? -3.816  -6.736  2.720   1.00 0.24 ? 4  A A N9     1 
ATOM 115 C C8     . A A 1 4  ? -4.343  -6.142  1.599   1.00 0.24 ? 4  A A C8     1 
ATOM 116 N N7     . A A 1 4  ? -3.458  -5.903  0.664   1.00 0.22 ? 4  A A N7     1 
ATOM 117 C C5     . A A 1 4  ? -2.268  -6.370  1.202   1.00 0.20 ? 4  A A C5     1 
ATOM 118 C C6     . A A 1 4  ? -0.955  -6.413  0.702   1.00 0.16 ? 4  A A C6     1 
ATOM 119 N N6     . A A 1 4  ? -0.609  -5.967  -0.505  1.00 0.15 ? 4  A A N6     1 
ATOM 120 N N1     . A A 1 4  ? 0.004   -6.940  1.496   1.00 0.15 ? 4  A A N1     1 
ATOM 121 C C2     . A A 1 4  ? -0.347  -7.398  2.705   1.00 0.17 ? 4  A A C2     1 
ATOM 122 N N3     . A A 1 4  ? -1.547  -7.424  3.280   1.00 0.20 ? 4  A A N3     1 
ATOM 123 C C4     . A A 1 4  ? -2.473  -6.887  2.468   1.00 0.21 ? 4  A A C4     1 
ATOM 124 H "H5'"  . A A 1 4  ? -8.385  -6.515  3.427   1.00 0.37 ? 4  A A "H5'"  1 
ATOM 125 H "H5''" . A A 1 4  ? -8.442  -5.214  4.633   1.00 0.38 ? 4  A A "H5''" 1 
ATOM 126 H "H4'"  . A A 1 4  ? -6.950  -6.787  5.491   1.00 0.34 ? 4  A A "H4'"  1 
ATOM 127 H "H3'"  . A A 1 4  ? -5.420  -4.495  4.274   1.00 0.30 ? 4  A A "H3'"  1 
ATOM 128 H "H2'"  . A A 1 4  ? -3.392  -5.584  4.987   1.00 0.24 ? 4  A A "H2'"  1 
ATOM 129 H "HO2'" . A A 1 4  ? -5.128  -7.411  6.340   1.00 0.29 ? 4  A A "HO2'" 1 
ATOM 130 H "H1'"  . A A 1 4  ? -4.209  -8.154  4.185   1.00 0.26 ? 4  A A "H1'"  1 
ATOM 131 H H8     . A A 1 4  ? -5.391  -5.898  1.498   1.00 0.27 ? 4  A A H8     1 
ATOM 132 H H61    . A A 1 4  ? 0.350   -6.031  -0.813  1.00 0.13 ? 4  A A H61    1 
ATOM 133 H H62    . A A 1 4  ? -1.311  -5.572  -1.113  1.00 0.15 ? 4  A A H62    1 
ATOM 134 H H2     . A A 1 4  ? 0.468   -7.802  3.305   1.00 0.17 ? 4  A A H2     1 
ATOM 135 P P      . G A 1 5  ? -5.316  -3.184  6.554   1.00 0.32 ? 5  G A P      1 
ATOM 136 O OP1    . G A 1 5  ? -5.996  -2.714  7.789   1.00 0.34 ? 5  G A OP1    1 
ATOM 137 O OP2    . G A 1 5  ? -5.404  -2.371  5.315   1.00 0.32 ? 5  G A OP2    1 
ATOM 138 O "O5'"  . G A 1 5  ? -3.776  -3.418  6.893   1.00 0.28 ? 5  G A "O5'"  1 
ATOM 139 C "C5'"  . G A 1 5  ? -3.385  -4.333  7.916   1.00 0.26 ? 5  G A "C5'"  1 
ATOM 140 C "C4'"  . G A 1 5  ? -1.881  -4.488  7.938   1.00 0.24 ? 5  G A "C4'"  1 
ATOM 141 O "O4'"  . G A 1 5  ? -1.449  -5.243  6.775   1.00 0.22 ? 5  G A "O4'"  1 
ATOM 142 C "C3'"  . G A 1 5  ? -1.081  -3.200  7.837   1.00 0.23 ? 5  G A "C3'"  1 
ATOM 143 O "O3'"  . G A 1 5  ? -1.004  -2.531  9.091   1.00 0.25 ? 5  G A "O3'"  1 
ATOM 144 C "C2'"  . G A 1 5  ? 0.274   -3.707  7.353   1.00 0.21 ? 5  G A "C2'"  1 
ATOM 145 O "O2'"  . G A 1 5  ? 1.015   -4.289  8.410   1.00 0.20 ? 5  G A "O2'"  1 
ATOM 146 C "C1'"  . G A 1 5  ? -0.151  -4.818  6.391   1.00 0.20 ? 5  G A "C1'"  1 
ATOM 147 N N9     . G A 1 5  ? -0.197  -4.404  4.990   1.00 0.19 ? 5  G A N9     1 
ATOM 148 C C8     . G A 1 5  ? -1.316  -4.118  4.245   1.00 0.21 ? 5  G A C8     1 
ATOM 149 N N7     . G A 1 5  ? -1.041  -3.773  3.016   1.00 0.20 ? 5  G A N7     1 
ATOM 150 C C5     . G A 1 5  ? 0.344   -3.837  2.944   1.00 0.18 ? 5  G A C5     1 
ATOM 151 C C6     . G A 1 5  ? 1.222   -3.579  1.857   1.00 0.16 ? 5  G A C6     1 
ATOM 152 O O6     . G A 1 5  ? 0.941   -3.237  0.704   1.00 0.16 ? 5  G A O6     1 
ATOM 153 N N1     . G A 1 5  ? 2.552   -3.763  2.220   1.00 0.14 ? 5  G A N1     1 
ATOM 154 C C2     . G A 1 5  ? 2.982   -4.146  3.465   1.00 0.15 ? 5  G A C2     1 
ATOM 155 N N2     . G A 1 5  ? 4.303   -4.254  3.625   1.00 0.14 ? 5  G A N2     1 
ATOM 156 N N3     . G A 1 5  ? 2.176   -4.399  4.483   1.00 0.16 ? 5  G A N3     1 
ATOM 157 C C4     . G A 1 5  ? 0.881   -4.224  4.154   1.00 0.17 ? 5  G A C4     1 
ATOM 158 H "H5'"  . G A 1 5  ? -3.843  -5.306  7.734   1.00 0.27 ? 5  G A "H5'"  1 
ATOM 159 H "H5''" . G A 1 5  ? -3.716  -3.964  8.886   1.00 0.28 ? 5  G A "H5''" 1 
ATOM 160 H "H4'"  . G A 1 5  ? -1.611  -4.954  8.885   1.00 0.24 ? 5  G A "H4'"  1 
ATOM 161 H "H3'"  . G A 1 5  ? -1.537  -2.496  7.142   1.00 0.25 ? 5  G A "H3'"  1 
ATOM 162 H "H2'"  . G A 1 5  ? 0.821   -2.916  6.838   1.00 0.20 ? 5  G A "H2'"  1 
ATOM 163 H "HO2'" . G A 1 5  ? 0.401   -4.801  8.936   1.00 0.22 ? 5  G A "HO2'" 1 
ATOM 164 H "H1'"  . G A 1 5  ? 0.500   -5.689  6.461   1.00 0.18 ? 5  G A "H1'"  1 
ATOM 165 H H8     . G A 1 5  ? -2.320  -4.176  4.635   1.00 0.23 ? 5  G A H8     1 
ATOM 166 H H1     . G A 1 5  ? 3.251   -3.601  1.507   1.00 0.13 ? 5  G A H1     1 
ATOM 167 H H21    . G A 1 5  ? 4.929   -4.065  2.856   1.00 0.13 ? 5  G A H21    1 
ATOM 168 H H22    . G A 1 5  ? 4.665   -4.528  4.527   1.00 0.14 ? 5  G A H22    1 
ATOM 169 P P      . G A 1 6  ? -0.832  -0.932  9.133   1.00 0.26 ? 6  G A P      1 
ATOM 170 O OP1    . G A 1 6  ? -0.993  -0.510  10.549  1.00 1.06 ? 6  G A OP1    1 
ATOM 171 O OP2    . G A 1 6  ? -1.701  -0.336  8.086   1.00 1.14 ? 6  G A OP2    1 
ATOM 172 O "O5'"  . G A 1 6  ? 0.690   -0.698  8.716   1.00 0.24 ? 6  G A "O5'"  1 
ATOM 173 C "C5'"  . G A 1 6  ? 1.752   -1.251  9.489   1.00 0.24 ? 6  G A "C5'"  1 
ATOM 174 C "C4'"  . G A 1 6  ? 3.081   -1.003  8.812   1.00 0.22 ? 6  G A "C4'"  1 
ATOM 175 O "O4'"  . G A 1 6  ? 3.168   -1.802  7.601   1.00 0.20 ? 6  G A "O4'"  1 
ATOM 176 C "C3'"  . G A 1 6  ? 3.326   0.412   8.315   1.00 0.23 ? 6  G A "C3'"  1 
ATOM 177 O "O3'"  . G A 1 6  ? 3.725   1.284   9.370   1.00 0.25 ? 6  G A "O3'"  1 
ATOM 178 C "C2'"  . G A 1 6  ? 4.421   0.191   7.280   1.00 0.21 ? 6  G A "C2'"  1 
ATOM 179 O "O2'"  . G A 1 6  ? 5.678   -0.022  7.896   1.00 0.21 ? 6  G A "O2'"  1 
ATOM 180 C "C1'"  . G A 1 6  ? 3.966   -1.124  6.644   1.00 0.19 ? 6  G A "C1'"  1 
ATOM 181 N N9     . G A 1 6  ? 3.180   -0.948  5.425   1.00 0.18 ? 6  G A N9     1 
ATOM 182 C C8     . G A 1 6  ? 1.819   -1.068  5.290   1.00 0.19 ? 6  G A C8     1 
ATOM 183 N N7     . G A 1 6  ? 1.399   -0.846  4.076   1.00 0.18 ? 6  G A N7     1 
ATOM 184 C C5     . G A 1 6  ? 2.554   -0.564  3.361   1.00 0.17 ? 6  G A C5     1 
ATOM 185 C C6     . G A 1 6  ? 2.734   -0.247  1.989   1.00 0.16 ? 6  G A C6     1 
ATOM 186 O O6     . G A 1 6  ? 1.879   -0.153  1.102   1.00 0.15 ? 6  G A O6     1 
ATOM 187 N N1     . G A 1 6  ? 4.073   -0.033  1.684   1.00 0.15 ? 6  G A N1     1 
ATOM 188 C C2     . G A 1 6  ? 5.107   -0.115  2.583   1.00 0.15 ? 6  G A C2     1 
ATOM 189 N N2     . G A 1 6  ? 6.324   0.135   2.102   1.00 0.15 ? 6  G A N2     1 
ATOM 190 N N3     . G A 1 6  ? 4.956   -0.417  3.861   1.00 0.17 ? 6  G A N3     1 
ATOM 191 C C4     . G A 1 6  ? 3.663   -0.624  4.180   1.00 0.17 ? 6  G A C4     1 
ATOM 192 H "H5'"  . G A 1 6  ? 1.602   -2.325  9.603   1.00 0.23 ? 6  G A "H5'"  1 
ATOM 193 H "H5''" . G A 1 6  ? 1.767   -0.790  10.477  1.00 0.25 ? 6  G A "H5''" 1 
ATOM 194 H "H4'"  . G A 1 6  ? 3.865   -1.226  9.536   1.00 0.22 ? 6  G A "H4'"  1 
ATOM 195 H "H3'"  . G A 1 6  ? 2.425   0.850   7.885   1.00 0.23 ? 6  G A "H3'"  1 
ATOM 196 H "H2'"  . G A 1 6  ? 4.439   1.005   6.555   1.00 0.21 ? 6  G A "H2'"  1 
ATOM 197 H "HO2'" . G A 1 6  ? 5.562   -0.728  8.533   1.00 0.23 ? 6  G A "HO2'" 1 
ATOM 198 H "H1'"  . G A 1 6  ? 4.808   -1.777  6.411   1.00 0.18 ? 6  G A "H1'"  1 
ATOM 199 H H8     . G A 1 6  ? 1.162   -1.324  6.107   1.00 0.20 ? 6  G A H8     1 
ATOM 200 H H1     . G A 1 6  ? 4.298   0.200   0.726   1.00 0.14 ? 6  G A H1     1 
ATOM 201 H H21    . G A 1 6  ? 6.440   0.372   1.128   1.00 0.14 ? 6  G A H21    1 
ATOM 202 H H22    . G A 1 6  ? 7.122   0.092   2.719   1.00 0.16 ? 6  G A H22    1 
ATOM 203 P P      . G A 1 7  ? 3.533   2.874   9.208   1.00 0.27 ? 7  G A P      1 
ATOM 204 O OP1    . G A 1 7  ? 3.892   3.527   10.493  1.00 0.30 ? 7  G A OP1    1 
ATOM 205 O OP2    . G A 1 7  ? 2.190   3.108   8.618   1.00 0.26 ? 7  G A OP2    1 
ATOM 206 O "O5'"  . G A 1 7  ? 4.625   3.280   8.122   1.00 0.26 ? 7  G A "O5'"  1 
ATOM 207 C "C5'"  . G A 1 7  ? 6.016   3.082   8.370   1.00 0.26 ? 7  G A "C5'"  1 
ATOM 208 C "C4'"  . G A 1 7  ? 6.823   3.514   7.170   1.00 0.25 ? 7  G A "C4'"  1 
ATOM 209 O "O4'"  . G A 1 7  ? 6.496   2.653   6.049   1.00 0.23 ? 7  G A "O4'"  1 
ATOM 210 C "C3'"  . G A 1 7  ? 6.535   4.919   6.664   1.00 0.25 ? 7  G A "C3'"  1 
ATOM 211 O "O3'"  . G A 1 7  ? 7.298   5.885   7.379   1.00 0.27 ? 7  G A "O3'"  1 
ATOM 212 C "C2'"  . G A 1 7  ? 6.934   4.836   5.193   1.00 0.23 ? 7  G A "C2'"  1 
ATOM 213 O "O2'"  . G A 1 7  ? 8.335   4.977   5.038   1.00 0.24 ? 7  G A "O2'"  1 
ATOM 214 C "C1'"  . G A 1 7  ? 6.553   3.396   4.846   1.00 0.21 ? 7  G A "C1'"  1 
ATOM 215 N N9     . G A 1 7  ? 5.266   3.270   4.167   1.00 0.20 ? 7  G A N9     1 
ATOM 216 C C8     . G A 1 7  ? 4.081   2.824   4.701   1.00 0.20 ? 7  G A C8     1 
ATOM 217 N N7     . G A 1 7  ? 3.101   2.810   3.839   1.00 0.18 ? 7  G A N7     1 
ATOM 218 C C5     . G A 1 7  ? 3.673   3.279   2.664   1.00 0.17 ? 7  G A C5     1 
ATOM 219 C C6     . G A 1 7  ? 3.103   3.480   1.379   1.00 0.16 ? 7  G A C6     1 
ATOM 220 O O6     . G A 1 7  ? 1.941   3.276   1.010   1.00 0.15 ? 7  G A O6     1 
ATOM 221 N N1     . G A 1 7  ? 4.041   3.969   0.476   1.00 0.15 ? 7  G A N1     1 
ATOM 222 C C2     . G A 1 7  ? 5.354   4.237   0.772   1.00 0.16 ? 7  G A C2     1 
ATOM 223 N N2     . G A 1 7  ? 6.094   4.729   -0.220  1.00 0.16 ? 7  G A N2     1 
ATOM 224 N N3     . G A 1 7  ? 5.899   4.044   1.960   1.00 0.17 ? 7  G A N3     1 
ATOM 225 C C4     . G A 1 7  ? 5.008   3.570   2.851   1.00 0.18 ? 7  G A C4     1 
ATOM 226 H "H5'"  . G A 1 7  ? 6.209   2.027   8.569   1.00 0.26 ? 7  G A "H5'"  1 
ATOM 227 H "H5''" . G A 1 7  ? 6.325   3.668   9.233   1.00 0.28 ? 7  G A "H5''" 1 
ATOM 228 H "H4'"  . G A 1 7  ? 7.877   3.487   7.449   1.00 0.26 ? 7  G A "H4'"  1 
ATOM 229 H "H3'"  . G A 1 7  ? 5.489   5.192   6.803   1.00 0.25 ? 7  G A "H3'"  1 
ATOM 230 H "H2'"  . G A 1 7  ? 6.369   5.558   4.600   1.00 0.23 ? 7  G A "H2'"  1 
ATOM 231 H "HO2'" . G A 1 7  ? 8.745   4.528   5.779   1.00 0.24 ? 7  G A "HO2'" 1 
ATOM 232 H "H1'"  . G A 1 7  ? 7.307   2.919   4.219   1.00 0.20 ? 7  G A "H1'"  1 
ATOM 233 H H8     . G A 1 7  ? 3.971   2.520   5.730   1.00 0.21 ? 7  G A H8     1 
ATOM 234 H H1     . G A 1 7  ? 3.729   4.135   -0.470  1.00 0.14 ? 7  G A H1     1 
ATOM 235 H H21    . G A 1 7  ? 5.679   4.892   -1.123  1.00 0.15 ? 7  G A H21    1 
ATOM 236 H H22    . G A 1 7  ? 7.066   4.951   -0.054  1.00 0.16 ? 7  G A H22    1 
ATOM 237 P P      . C A 1 8  ? 6.735   7.381   7.552   1.00 0.30 ? 8  C A P      1 
ATOM 238 O OP1    . C A 1 8  ? 7.774   8.184   8.248   1.00 0.34 ? 8  C A OP1    1 
ATOM 239 O OP2    . C A 1 8  ? 5.372   7.283   8.132   1.00 0.34 ? 8  C A OP2    1 
ATOM 240 O "O5'"  . C A 1 8  ? 6.598   7.920   6.058   1.00 0.25 ? 8  C A "O5'"  1 
ATOM 241 C "C5'"  . C A 1 8  ? 7.753   8.172   5.256   1.00 0.25 ? 8  C A "C5'"  1 
ATOM 242 C "C4'"  . C A 1 8  ? 7.389   9.046   4.078   1.00 0.26 ? 8  C A "C4'"  1 
ATOM 243 O "O4'"  . C A 1 8  ? 6.661   8.241   3.110   1.00 0.23 ? 8  C A "O4'"  1 
ATOM 244 C "C3'"  . C A 1 8  ? 6.480   10.225  4.407   1.00 0.29 ? 8  C A "C3'"  1 
ATOM 245 O "O3'"  . C A 1 8  ? 7.251   11.392  4.673   1.00 0.34 ? 8  C A "O3'"  1 
ATOM 246 C "C2'"  . C A 1 8  ? 5.623   10.372  3.152   1.00 0.31 ? 8  C A "C2'"  1 
ATOM 247 O "O2'"  . C A 1 8  ? 6.308   11.096  2.149   1.00 0.35 ? 8  C A "O2'"  1 
ATOM 248 C "C1'"  . C A 1 8  ? 5.488   8.919   2.703   1.00 0.25 ? 8  C A "C1'"  1 
ATOM 249 N N1     . C A 1 8  ? 4.326   8.216   3.276   1.00 0.24 ? 8  C A N1     1 
ATOM 250 C C2     . C A 1 8  ? 3.060   8.439   2.726   1.00 0.30 ? 8  C A C2     1 
ATOM 251 O O2     . C A 1 8  ? 2.947   9.225   1.772   1.00 0.38 ? 8  C A O2     1 
ATOM 252 N N3     . C A 1 8  ? 1.992   7.793   3.246   1.00 0.31 ? 8  C A N3     1 
ATOM 253 C C4     . C A 1 8  ? 2.156   6.952   4.270   1.00 0.27 ? 8  C A C4     1 
ATOM 254 N N4     . C A 1 8  ? 1.074   6.337   4.750   1.00 0.31 ? 8  C A N4     1 
ATOM 255 C C5     . C A 1 8  ? 3.435   6.705   4.846   1.00 0.24 ? 8  C A C5     1 
ATOM 256 C C6     . C A 1 8  ? 4.480   7.356   4.326   1.00 0.21 ? 8  C A C6     1 
ATOM 257 H "H5'"  . C A 1 8  ? 8.160   7.229   4.891   1.00 0.24 ? 8  C A "H5'"  1 
ATOM 258 H "H5''" . C A 1 8  ? 8.512   8.679   5.851   1.00 0.28 ? 8  C A "H5''" 1 
ATOM 259 H "H4'"  . C A 1 8  ? 8.316   9.467   3.685   1.00 0.28 ? 8  C A "H4'"  1 
ATOM 260 H "H3'"  . C A 1 8  ? 5.887   10.041  5.301   1.00 0.30 ? 8  C A "H3'"  1 
ATOM 261 H "H2'"  . C A 1 8  ? 4.653   10.809  3.399   1.00 0.33 ? 8  C A "H2'"  1 
ATOM 262 H "HO2'" . C A 1 8  ? 7.138   11.382  2.534   1.00 0.36 ? 8  C A "HO2'" 1 
ATOM 263 H "H1'"  . C A 1 8  ? 5.432   8.830   1.618   1.00 0.28 ? 8  C A "H1'"  1 
ATOM 264 H H41    . C A 1 8  ? 0.171   6.521   4.337   1.00 0.35 ? 8  C A H41    1 
ATOM 265 H H42    . C A 1 8  ? 1.159   5.694   5.524   1.00 0.33 ? 8  C A H42    1 
ATOM 266 H H5     . C A 1 8  ? 3.560   6.008   5.675   1.00 0.28 ? 8  C A H5     1 
ATOM 267 H H6     . C A 1 8  ? 5.470   7.199   4.751   1.00 0.22 ? 8  C A H6     1 
ATOM 268 P P      . U A 1 9  ? 7.038   12.199  6.047   1.00 0.39 ? 9  U A P      1 
ATOM 269 O OP1    . U A 1 9  ? 8.249   13.034  6.259   1.00 0.93 ? 9  U A OP1    1 
ATOM 270 O OP2    . U A 1 9  ? 6.611   11.244  7.102   1.00 0.91 ? 9  U A OP2    1 
ATOM 271 O "O5'"  . U A 1 9  ? 5.814   13.168  5.735   1.00 0.42 ? 9  U A "O5'"  1 
ATOM 272 C "C5'"  . U A 1 9  ? 5.674   13.791  4.459   1.00 0.48 ? 9  U A "C5'"  1 
ATOM 273 C "C4'"  . U A 1 9  ? 4.255   14.271  4.272   1.00 0.58 ? 9  U A "C4'"  1 
ATOM 274 O "O4'"  . U A 1 9  ? 3.416   13.136  3.939   1.00 0.51 ? 9  U A "O4'"  1 
ATOM 275 C "C3'"  . U A 1 9  ? 3.608   14.868  5.512   1.00 0.61 ? 9  U A "C3'"  1 
ATOM 276 O "O3'"  . U A 1 9  ? 3.926   16.250  5.637   1.00 0.80 ? 9  U A "O3'"  1 
ATOM 277 C "C2'"  . U A 1 9  ? 2.119   14.636  5.271   1.00 0.63 ? 9  U A "C2'"  1 
ATOM 278 O "O2'"  . U A 1 9  ? 1.575   15.643  4.439   1.00 0.80 ? 9  U A "O2'"  1 
ATOM 279 C "C1'"  . U A 1 9  ? 2.126   13.318  4.492   1.00 0.56 ? 9  U A "C1'"  1 
ATOM 280 N N1     . U A 1 9  ? 1.804   12.140  5.313   1.00 0.45 ? 9  U A N1     1 
ATOM 281 C C2     . U A 1 9  ? 0.477   11.928  5.638   1.00 0.52 ? 9  U A C2     1 
ATOM 282 O O2     . U A 1 9  ? -0.419  12.674  5.284   1.00 0.65 ? 9  U A O2     1 
ATOM 283 N N3     . U A 1 9  ? 0.237   10.809  6.393   1.00 0.46 ? 9  U A N3     1 
ATOM 284 C C4     . U A 1 9  ? 1.166   9.901   6.850   1.00 0.36 ? 9  U A C4     1 
ATOM 285 O O4     . U A 1 9  ? 0.791   8.934   7.514   1.00 0.38 ? 9  U A O4     1 
ATOM 286 C C5     . U A 1 9  ? 2.514   10.193  6.477   1.00 0.27 ? 9  U A C5     1 
ATOM 287 C C6     . U A 1 9  ? 2.787   11.275  5.741   1.00 0.31 ? 9  U A C6     1 
ATOM 288 H "H5'"  . U A 1 9  ? 5.919   13.077  3.671   1.00 0.43 ? 9  U A "H5'"  1 
ATOM 289 H "H5''" . U A 1 9  ? 6.349   14.643  4.389   1.00 0.53 ? 9  U A "H5''" 1 
ATOM 290 H "H4'"  . U A 1 9  ? 4.263   15.050  3.510   1.00 0.72 ? 9  U A "H4'"  1 
ATOM 291 H "H3'"  . U A 1 9  ? 3.966   14.391  6.423   1.00 0.52 ? 9  U A "H3'"  1 
ATOM 292 H "H2'"  . U A 1 9  ? 1.586   14.540  6.219   1.00 0.59 ? 9  U A "H2'"  1 
ATOM 293 H "HO2'" . U A 1 9  ? 2.192   16.374  4.464   1.00 1.01 ? 9  U A "HO2'" 1 
ATOM 294 H "H1'"  . U A 1 9  ? 1.427   13.339  3.655   1.00 0.66 ? 9  U A "H1'"  1 
ATOM 295 H H3     . U A 1 9  ? -0.725  10.630  6.643   1.00 0.53 ? 9  U A H3     1 
ATOM 296 H H5     . U A 1 9  ? 3.322   9.533   6.792   1.00 0.25 ? 9  U A H5     1 
ATOM 297 H H6     . U A 1 9  ? 3.822   11.481  5.471   1.00 0.27 ? 9  U A H6     1 
ATOM 298 P P      . C A 1 10 ? 4.028   16.916  7.096   1.00 0.81 ? 10 C A P      1 
ATOM 299 O OP1    . C A 1 10 ? 4.008   18.391  6.928   1.00 1.58 ? 10 C A OP1    1 
ATOM 300 O OP2    . C A 1 10 ? 5.162   16.274  7.808   1.00 1.54 ? 10 C A OP2    1 
ATOM 301 O "O5'"  . C A 1 10 ? 2.671   16.480  7.808   1.00 0.59 ? 10 C A "O5'"  1 
ATOM 302 C "C5'"  . C A 1 10 ? 2.686   15.694  8.997   1.00 0.95 ? 10 C A "C5'"  1 
ATOM 303 C "C4'"  . C A 1 10 ? 1.318   15.685  9.631   1.00 1.09 ? 10 C A "C4'"  1 
ATOM 304 O "O4'"  . C A 1 10 ? 0.881   17.060  9.765   1.00 1.09 ? 10 C A "O4'"  1 
ATOM 305 C "C3'"  . C A 1 10 ? 0.241   14.942  8.844   1.00 1.00 ? 10 C A "C3'"  1 
ATOM 306 O "O3'"  . C A 1 10 ? -0.519  14.092  9.695   1.00 1.01 ? 10 C A "O3'"  1 
ATOM 307 C "C2'"  . C A 1 10 ? -0.611  16.041  8.207   1.00 0.98 ? 10 C A "C2'"  1 
ATOM 308 O "O2'"  . C A 1 10 ? -1.990  15.738  8.300   1.00 1.17 ? 10 C A "O2'"  1 
ATOM 309 C "C1'"  . C A 1 10 ? -0.347  17.247  9.102   1.00 1.15 ? 10 C A "C1'"  1 
ATOM 310 N N1     . C A 1 10 ? -0.266  18.500  8.340   1.00 1.12 ? 10 C A N1     1 
ATOM 311 C C2     . C A 1 10 ? -1.264  19.462  8.510   1.00 1.60 ? 10 C A C2     1 
ATOM 312 O O2     . C A 1 10 ? -2.199  19.228  9.290   1.00 1.88 ? 10 C A O2     1 
ATOM 313 N N3     . C A 1 10 ? -1.184  20.624  7.821   1.00 1.85 ? 10 C A N3     1 
ATOM 314 C C4     . C A 1 10 ? -0.163  20.835  6.987   1.00 1.72 ? 10 C A C4     1 
ATOM 315 N N4     . C A 1 10 ? -0.113  21.998  6.341   1.00 2.15 ? 10 C A N4     1 
ATOM 316 C C5     . C A 1 10 ? 0.857   19.863  6.783   1.00 1.23 ? 10 C A C5     1 
ATOM 317 C C6     . C A 1 10 ? 0.768   18.723  7.474   1.00 0.87 ? 10 C A C6     1 
ATOM 318 H "H5'"  . C A 1 10 ? 3.406   16.112  9.703   1.00 1.10 ? 10 C A "H5'"  1 
ATOM 319 H "H5''" . C A 1 10 ? 2.975   14.672  8.760   1.00 1.20 ? 10 C A "H5''" 1 
ATOM 320 H "H4'"  . C A 1 10 ? 1.408   15.167  10.585  1.00 1.47 ? 10 C A "H4'"  1 
ATOM 321 H "H3'"  . C A 1 10 ? 0.685   14.286  8.097   1.00 0.98 ? 10 C A "H3'"  1 
ATOM 322 H "H2'"  . C A 1 10 ? -0.294  16.228  7.181   1.00 0.90 ? 10 C A "H2'"  1 
ATOM 323 H "HO2'" . C A 1 10 ? -2.074  14.956  8.846   1.00 1.26 ? 10 C A "HO2'" 1 
ATOM 324 H "H1'"  . C A 1 10 ? -1.111  17.369  9.867   1.00 1.55 ? 10 C A "H1'"  1 
ATOM 325 H H41    . C A 1 10 ? -0.826  22.695  6.496   1.00 2.50 ? 10 C A H41    1 
ATOM 326 H H42    . C A 1 10 ? 0.650   22.184  5.707   1.00 2.18 ? 10 C A H42    1 
ATOM 327 H H5     . C A 1 10 ? 1.679   20.041  6.087   1.00 1.26 ? 10 C A H5     1 
ATOM 328 H H6     . C A 1 10 ? 1.531   17.956  7.339   1.00 0.54 ? 10 C A H6     1 
ATOM 329 P P      . A A 1 11 ? -0.482  12.499  9.471   1.00 0.98 ? 11 A A P      1 
ATOM 330 O OP1    . A A 1 11 ? -1.026  11.867  10.700  1.00 1.70 ? 11 A A OP1    1 
ATOM 331 O OP2    . A A 1 11 ? 0.869   12.118  8.988   1.00 1.56 ? 11 A A OP2    1 
ATOM 332 O "O5'"  . A A 1 11 ? -1.517  12.259  8.285   1.00 0.76 ? 11 A A "O5'"  1 
ATOM 333 C "C5'"  . A A 1 11 ? -2.858  11.856  8.551   1.00 0.66 ? 11 A A "C5'"  1 
ATOM 334 C "C4'"  . A A 1 11 ? -3.757  12.228  7.394   1.00 0.60 ? 11 A A "C4'"  1 
ATOM 335 O "O4'"  . A A 1 11 ? -3.813  13.670  7.270   1.00 0.61 ? 11 A A "O4'"  1 
ATOM 336 C "C3'"  . A A 1 11 ? -3.291  11.783  6.016   1.00 0.56 ? 11 A A "C3'"  1 
ATOM 337 O "O3'"  . A A 1 11 ? -3.607  10.417  5.766   1.00 0.59 ? 11 A A "O3'"  1 
ATOM 338 C "C2'"  . A A 1 11 ? -4.049  12.729  5.092   1.00 0.55 ? 11 A A "C2'"  1 
ATOM 339 O "O2'"  . A A 1 11 ? -5.378  12.293  4.887   1.00 0.60 ? 11 A A "O2'"  1 
ATOM 340 C "C1'"  . A A 1 11 ? -4.100  14.011  5.926   1.00 0.59 ? 11 A A "C1'"  1 
ATOM 341 N N9     . A A 1 11 ? -3.150  15.031  5.488   1.00 0.60 ? 11 A A N9     1 
ATOM 342 C C8     . A A 1 11 ? -1.805  15.117  5.756   1.00 0.62 ? 11 A A C8     1 
ATOM 343 N N7     . A A 1 11 ? -1.226  16.159  5.212   1.00 0.65 ? 11 A A N7     1 
ATOM 344 C C5     . A A 1 11 ? -2.257  16.805  4.544   1.00 0.66 ? 11 A A C5     1 
ATOM 345 C C6     . A A 1 11 ? -2.297  17.976  3.769   1.00 0.73 ? 11 A A C6     1 
ATOM 346 N N6     . A A 1 11 ? -1.232  18.742  3.529   1.00 0.78 ? 11 A A N6     1 
ATOM 347 N N1     . A A 1 11 ? -3.485  18.341  3.241   1.00 0.77 ? 11 A A N1     1 
ATOM 348 C C2     . A A 1 11 ? -4.556  17.574  3.483   1.00 0.75 ? 11 A A C2     1 
ATOM 349 N N3     . A A 1 11 ? -4.645  16.453  4.196   1.00 0.68 ? 11 A A N3     1 
ATOM 350 C C4     . A A 1 11 ? -3.446  16.119  4.705   1.00 0.64 ? 11 A A C4     1 
ATOM 351 H "H5'"  . A A 1 11 ? -3.218  12.348  9.456   1.00 0.71 ? 11 A A "H5'"  1 
ATOM 352 H "H5''" . A A 1 11 ? -2.897  10.777  8.694   1.00 0.74 ? 11 A A "H5''" 1 
ATOM 353 H "H4'"  . A A 1 11 ? -4.729  11.767  7.566   1.00 0.63 ? 11 A A "H4'"  1 
ATOM 354 H "H3'"  . A A 1 11 ? -2.210  11.869  5.911   1.00 0.54 ? 11 A A "H3'"  1 
ATOM 355 H "H2'"  . A A 1 11 ? -3.504  12.877  4.158   1.00 0.52 ? 11 A A "H2'"  1 
ATOM 356 H "HO2'" . A A 1 11 ? -5.531  12.310  3.942   1.00 0.88 ? 11 A A "HO2'" 1 
ATOM 357 H "H1'"  . A A 1 11 ? -5.093  14.457  5.919   1.00 0.64 ? 11 A A "H1'"  1 
ATOM 358 H H8     . A A 1 11 ? -1.276  14.399  6.368   1.00 0.64 ? 11 A A H8     1 
ATOM 359 H H61    . A A 1 11 ? -1.327  19.573  2.964   1.00 0.85 ? 11 A A H61    1 
ATOM 360 H H62    . A A 1 11 ? -0.334  18.486  3.913   1.00 0.78 ? 11 A A H62    1 
ATOM 361 H H2     . A A 1 11 ? -5.487  17.914  3.031   1.00 0.82 ? 11 A A H2     1 
ATOM 362 P P      . U A 1 12 ? -2.992  9.677   4.477   1.00 0.55 ? 12 U A P      1 
ATOM 363 O OP1    . U A 1 12 ? -3.381  8.246   4.562   1.00 0.62 ? 12 U A OP1    1 
ATOM 364 O OP2    . U A 1 12 ? -1.556  10.038  4.367   1.00 0.54 ? 12 U A OP2    1 
ATOM 365 O "O5'"  . U A 1 12 ? -3.763  10.328  3.243   1.00 0.50 ? 12 U A "O5'"  1 
ATOM 366 C "C5'"  . U A 1 12 ? -5.172  10.160  3.081   1.00 0.58 ? 12 U A "C5'"  1 
ATOM 367 C "C4'"  . U A 1 12 ? -5.686  11.070  1.988   1.00 0.58 ? 12 U A "C4'"  1 
ATOM 368 O "O4'"  . U A 1 12 ? -5.175  12.400  2.226   1.00 0.55 ? 12 U A "O4'"  1 
ATOM 369 C "C3'"  . U A 1 12 ? -5.252  10.694  0.571   1.00 0.55 ? 12 U A "C3'"  1 
ATOM 370 O "O3'"  . U A 1 12 ? -6.369  10.245  -0.191  1.00 0.67 ? 12 U A "O3'"  1 
ATOM 371 C "C2'"  . U A 1 12 ? -4.634  11.967  -0.029  1.00 0.50 ? 12 U A "C2'"  1 
ATOM 372 O "O2'"  . U A 1 12 ? -5.262  12.305  -1.250  1.00 0.57 ? 12 U A "O2'"  1 
ATOM 373 C "C1'"  . U A 1 12 ? -4.979  13.044  0.997   1.00 0.55 ? 12 U A "C1'"  1 
ATOM 374 N N1     . U A 1 12 ? -3.900  14.027  1.158   1.00 0.53 ? 12 U A N1     1 
ATOM 375 C C2     . U A 1 12 ? -4.135  15.330  0.761   1.00 0.60 ? 12 U A C2     1 
ATOM 376 O O2     . U A 1 12 ? -5.200  15.703  0.300   1.00 0.68 ? 12 U A O2     1 
ATOM 377 N N3     . U A 1 12 ? -3.073  16.183  0.924   1.00 0.62 ? 12 U A N3     1 
ATOM 378 C C4     . U A 1 12 ? -1.831  15.873  1.435   1.00 0.57 ? 12 U A C4     1 
ATOM 379 O O4     . U A 1 12 ? -0.966  16.746  1.495   1.00 0.63 ? 12 U A O4     1 
ATOM 380 C C5     . U A 1 12 ? -1.675  14.507  1.830   1.00 0.50 ? 12 U A C5     1 
ATOM 381 C C6     . U A 1 12 ? -2.688  13.650  1.683   1.00 0.47 ? 12 U A C6     1 
ATOM 382 H "H5'"  . U A 1 12 ? -5.680  10.400  4.017   1.00 0.64 ? 12 U A "H5'"  1 
ATOM 383 H "H5''" . U A 1 12 ? -5.393  9.127   2.815   1.00 0.63 ? 12 U A "H5''" 1 
ATOM 384 H "H4'"  . U A 1 12 ? -6.776  11.013  2.005   1.00 0.66 ? 12 U A "H4'"  1 
ATOM 385 H "H3'"  . U A 1 12 ? -4.552  9.861   0.579   1.00 0.53 ? 12 U A "H3'"  1 
ATOM 386 H "H2'"  . U A 1 12 ? -3.554  11.860  -0.132  1.00 0.43 ? 12 U A "H2'"  1 
ATOM 387 H "HO2'" . U A 1 12 ? -5.800  11.553  -1.499  1.00 0.61 ? 12 U A "HO2'" 1 
ATOM 388 H "H1'"  . U A 1 12 ? -5.896  13.578  0.752   1.00 0.62 ? 12 U A "H1'"  1 
ATOM 389 H H3     . U A 1 12 ? -3.216  17.140  0.639   1.00 0.69 ? 12 U A H3     1 
ATOM 390 H H5     . U A 1 12 ? -0.729  14.167  2.252   1.00 0.49 ? 12 U A H5     1 
ATOM 391 H H6     . U A 1 12 ? -2.550  12.610  1.984   1.00 0.45 ? 12 U A H6     1 
ATOM 392 P P      . A A 1 13 ? -6.632  8.669   -0.375  1.00 0.77 ? 13 A A P      1 
ATOM 393 O OP1    . A A 1 13 ? -8.095  8.490   -0.561  1.00 0.99 ? 13 A A OP1    1 
ATOM 394 O OP2    . A A 1 13 ? -5.937  7.937   0.716   1.00 0.84 ? 13 A A OP2    1 
ATOM 395 O "O5'"  . A A 1 13 ? -5.907  8.320   -1.750  1.00 0.60 ? 13 A A "O5'"  1 
ATOM 396 C "C5'"  . A A 1 13 ? -6.617  8.372   -2.984  1.00 0.48 ? 13 A A "C5'"  1 
ATOM 397 C "C4'"  . A A 1 13 ? -5.662  8.616   -4.129  1.00 0.43 ? 13 A A "C4'"  1 
ATOM 398 O "O4'"  . A A 1 13 ? -5.044  9.927   -3.977  1.00 0.42 ? 13 A A "O4'"  1 
ATOM 399 C "C3'"  . A A 1 13 ? -4.478  7.662   -4.229  1.00 0.38 ? 13 A A "C3'"  1 
ATOM 400 O "O3'"  . A A 1 13 ? -4.808  6.447   -4.892  1.00 0.38 ? 13 A A "O3'"  1 
ATOM 401 C "C2'"  . A A 1 13 ? -3.480  8.501   -5.009  1.00 0.33 ? 13 A A "C2'"  1 
ATOM 402 O "O2'"  . A A 1 13 ? -3.854  8.627   -6.368  1.00 0.34 ? 13 A A "O2'"  1 
ATOM 403 C "C1'"  . A A 1 13 ? -3.669  9.845   -4.319  1.00 0.36 ? 13 A A "C1'"  1 
ATOM 404 N N9     . A A 1 13 ? -2.879  9.969   -3.097  1.00 0.35 ? 13 A A N9     1 
ATOM 405 C C8     . A A 1 13 ? -3.304  9.751   -1.813  1.00 0.41 ? 13 A A C8     1 
ATOM 406 N N7     . A A 1 13 ? -2.371  9.934   -0.910  1.00 0.39 ? 13 A A N7     1 
ATOM 407 C C5     . A A 1 13 ? -1.255  10.293  -1.653  1.00 0.33 ? 13 A A C5     1 
ATOM 408 C C6     . A A 1 13 ? 0.064   10.619  -1.286  1.00 0.32 ? 13 A A C6     1 
ATOM 409 N N6     . A A 1 13 ? 0.499   10.640  -0.024  1.00 0.35 ? 13 A A N6     1 
ATOM 410 N N1     . A A 1 13 ? 0.931   10.926  -2.275  1.00 0.29 ? 13 A A N1     1 
ATOM 411 C C2     . A A 1 13 ? 0.493   10.906  -3.542  1.00 0.27 ? 13 A A C2     1 
ATOM 412 N N3     . A A 1 13 ? -0.718  10.621  -4.009  1.00 0.27 ? 13 A A N3     1 
ATOM 413 C C4     . A A 1 13 ? -1.555  10.319  -3.002  1.00 0.30 ? 13 A A C4     1 
ATOM 414 H "H5'"  . A A 1 13 ? -7.350  9.178   -2.952  1.00 0.57 ? 13 A A "H5'"  1 
ATOM 415 H "H5''" . A A 1 13 ? -7.134  7.429   -3.150  1.00 0.47 ? 13 A A "H5''" 1 
ATOM 416 H "H4'"  . A A 1 13 ? -6.226  8.509   -5.051  1.00 0.45 ? 13 A A "H4'"  1 
ATOM 417 H "H3'"  . A A 1 13 ? -4.107  7.379   -3.243  1.00 0.38 ? 13 A A "H3'"  1 
ATOM 418 H "H2'"  . A A 1 13 ? -2.464  8.119   -4.881  1.00 0.29 ? 13 A A "H2'"  1 
ATOM 419 H "HO2'" . A A 1 13 ? -3.357  7.969   -6.853  1.00 0.64 ? 13 A A "HO2'" 1 
ATOM 420 H "H1'"  . A A 1 13 ? -3.439  10.688  -4.971  1.00 0.36 ? 13 A A "H1'"  1 
ATOM 421 H H8     . A A 1 13 ? -4.310  9.441   -1.573  1.00 0.47 ? 13 A A H8     1 
ATOM 422 H H61    . A A 1 13 ? 1.459   10.881  0.173   1.00 0.36 ? 13 A A H61    1 
ATOM 423 H H62    . A A 1 13 ? -0.134  10.412  0.729   1.00 0.39 ? 13 A A H62    1 
ATOM 424 H H2     . A A 1 13 ? 1.238   11.157  -4.298  1.00 0.29 ? 13 A A H2     1 
ATOM 425 P P      . A A 1 14 ? -3.881  5.149   -4.680  1.00 0.37 ? 14 A A P      1 
ATOM 426 O OP1    . A A 1 14 ? -4.537  4.016   -5.383  1.00 0.41 ? 14 A A OP1    1 
ATOM 427 O OP2    . A A 1 14 ? -3.564  5.030   -3.234  1.00 0.40 ? 14 A A OP2    1 
ATOM 428 O "O5'"  . A A 1 14 ? -2.535  5.501   -5.458  1.00 0.29 ? 14 A A "O5'"  1 
ATOM 429 C "C5'"  . A A 1 14 ? -2.533  5.675   -6.871  1.00 0.27 ? 14 A A "C5'"  1 
ATOM 430 C "C4'"  . A A 1 14 ? -1.472  6.674   -7.277  1.00 0.21 ? 14 A A "C4'"  1 
ATOM 431 O "O4'"  . A A 1 14 ? -1.328  7.678   -6.237  1.00 0.22 ? 14 A A "O4'"  1 
ATOM 432 C "C3'"  . A A 1 14 ? -0.065  6.120   -7.446  1.00 0.18 ? 14 A A "C3'"  1 
ATOM 433 O "O3'"  . A A 1 14 ? 0.081   5.507   -8.723  1.00 0.19 ? 14 A A "O3'"  1 
ATOM 434 C "C2'"  . A A 1 14 ? 0.790   7.365   -7.257  1.00 0.15 ? 14 A A "C2'"  1 
ATOM 435 O "O2'"  . A A 1 14 ? 0.759   8.189   -8.407  1.00 0.14 ? 14 A A "O2'"  1 
ATOM 436 C "C1'"  . A A 1 14 ? 0.030   8.065   -6.128  1.00 0.17 ? 14 A A "C1'"  1 
ATOM 437 N N9     . A A 1 14 ? 0.495   7.721   -4.782  1.00 0.15 ? 14 A A N9     1 
ATOM 438 C C8     . A A 1 14 ? -0.241  7.175   -3.759  1.00 0.17 ? 14 A A C8     1 
ATOM 439 N N7     . A A 1 14 ? 0.443   6.991   -2.656  1.00 0.16 ? 14 A A N7     1 
ATOM 440 C C5     . A A 1 14 ? 1.717   7.440   -2.975  1.00 0.14 ? 14 A A C5     1 
ATOM 441 C C6     . A A 1 14 ? 2.907   7.512   -2.232  1.00 0.14 ? 14 A A C6     1 
ATOM 442 N N6     . A A 1 14 ? 3.010   7.119   -0.961  1.00 0.16 ? 14 A A N6     1 
ATOM 443 N N1     . A A 1 14 ? 4.002   8.008   -2.846  1.00 0.14 ? 14 A A N1     1 
ATOM 444 C C2     . A A 1 14 ? 3.897   8.404   -4.121  1.00 0.12 ? 14 A A C2     1 
ATOM 445 N N3     . A A 1 14 ? 2.834   8.390   -4.923  1.00 0.12 ? 14 A A N3     1 
ATOM 446 C C4     . A A 1 14 ? 1.764   7.889   -4.283  1.00 0.13 ? 14 A A C4     1 
ATOM 447 H "H5'"  . A A 1 14 ? -3.508  6.037   -7.199  1.00 0.29 ? 14 A A "H5'"  1 
ATOM 448 H "H5''" . A A 1 14 ? -2.327  4.724   -7.359  1.00 0.27 ? 14 A A "H5''" 1 
ATOM 449 H "H4'"  . A A 1 14 ? -1.764  7.088   -8.242  1.00 0.21 ? 14 A A "H4'"  1 
ATOM 450 H "H3'"  . A A 1 14 ? 0.163   5.350   -6.712  1.00 0.19 ? 14 A A "H3'"  1 
ATOM 451 H "H2'"  . A A 1 14 ? 1.805   7.096   -6.955  1.00 0.13 ? 14 A A "H2'"  1 
ATOM 452 H "HO2'" . A A 1 14 ? 0.407   7.656   -9.121  1.00 0.15 ? 14 A A "HO2'" 1 
ATOM 453 H "H1'"  . A A 1 14 ? 0.056   9.151   -6.226  1.00 0.17 ? 14 A A "H1'"  1 
ATOM 454 H H8     . A A 1 14 ? -1.286  6.920   -3.853  1.00 0.19 ? 14 A A H8     1 
ATOM 455 H H61    . A A 1 14 ? 3.890   7.211   -0.475  1.00 0.17 ? 14 A A H61    1 
ATOM 456 H H62    . A A 1 14 ? 2.203   6.746   -0.481  1.00 0.17 ? 14 A A H62    1 
ATOM 457 H H2     . A A 1 14 ? 4.813   8.790   -4.567  1.00 0.13 ? 14 A A H2     1 
ATOM 458 P P      . C A 1 15 ? 0.404   3.934   -8.819  1.00 0.21 ? 15 C A P      1 
ATOM 459 O OP1    . C A 1 15 ? 0.429   3.552   -10.254 1.00 0.23 ? 15 C A OP1    1 
ATOM 460 O OP2    . C A 1 15 ? -0.504  3.221   -7.885  1.00 0.23 ? 15 C A OP2    1 
ATOM 461 O "O5'"  . C A 1 15 ? 1.885   3.836   -8.246  1.00 0.19 ? 15 C A "O5'"  1 
ATOM 462 C "C5'"  . C A 1 15 ? 2.917   4.655   -8.780  1.00 0.17 ? 15 C A "C5'"  1 
ATOM 463 C "C4'"  . C A 1 15 ? 4.088   4.704   -7.833  1.00 0.16 ? 15 C A "C4'"  1 
ATOM 464 O "O4'"  . C A 1 15 ? 3.727   5.501   -6.676  1.00 0.15 ? 15 C A "O4'"  1 
ATOM 465 C "C3'"  . C A 1 15 ? 4.510   3.377   -7.225  1.00 0.15 ? 15 C A "C3'"  1 
ATOM 466 O "O3'"  . C A 1 15 ? 5.303   2.602   -8.119  1.00 0.16 ? 15 C A "O3'"  1 
ATOM 467 C "C2'"  . C A 1 15 ? 5.276   3.834   -5.992  1.00 0.14 ? 15 C A "C2'"  1 
ATOM 468 O "O2'"  . C A 1 15 ? 6.567   4.312   -6.329  1.00 0.15 ? 15 C A "O2'"  1 
ATOM 469 C "C1'"  . C A 1 15 ? 4.419   5.018   -5.538  1.00 0.14 ? 15 C A "C1'"  1 
ATOM 470 N N1     . C A 1 15 ? 3.436   4.671   -4.497  1.00 0.14 ? 15 C A N1     1 
ATOM 471 C C2     . C A 1 15 ? 3.880   4.520   -3.178  1.00 0.14 ? 15 C A C2     1 
ATOM 472 O O2     . C A 1 15 ? 5.082   4.688   -2.923  1.00 0.14 ? 15 C A O2     1 
ATOM 473 N N3     . C A 1 15 ? 2.990   4.194   -2.215  1.00 0.14 ? 15 C A N3     1 
ATOM 474 C C4     . C A 1 15 ? 1.703   4.024   -2.526  1.00 0.14 ? 15 C A C4     1 
ATOM 475 N N4     . C A 1 15 ? 0.860   3.711   -1.545  1.00 0.14 ? 15 C A N4     1 
ATOM 476 C C5     . C A 1 15 ? 1.223   4.171   -3.859  1.00 0.14 ? 15 C A C5     1 
ATOM 477 C C6     . C A 1 15 ? 2.116   4.494   -4.806  1.00 0.14 ? 15 C A C6     1 
ATOM 478 H "H5'"  . C A 1 15 ? 2.541   5.668   -8.934  1.00 0.16 ? 15 C A "H5'"  1 
ATOM 479 H "H5''" . C A 1 15 ? 3.251   4.253   -9.734  1.00 0.19 ? 15 C A "H5''" 1 
ATOM 480 H "H4'"  . C A 1 15 ? 4.945   5.092   -8.381  1.00 0.16 ? 15 C A "H4'"  1 
ATOM 481 H "H3'"  . C A 1 15 ? 3.647   2.760   -6.973  1.00 0.15 ? 15 C A "H3'"  1 
ATOM 482 H "H2'"  . C A 1 15 ? 5.304   3.046   -5.242  1.00 0.14 ? 15 C A "H2'"  1 
ATOM 483 H "HO2'" . C A 1 15 ? 7.190   3.875   -5.747  1.00 0.14 ? 15 C A "HO2'" 1 
ATOM 484 H "H1'"  . C A 1 15 ? 5.021   5.842   -5.167  1.00 0.14 ? 15 C A "H1'"  1 
ATOM 485 H H41    . C A 1 15 ? 1.207   3.609   -0.602  1.00 0.14 ? 15 C A H41    1 
ATOM 486 H H42    . C A 1 15 ? -0.122  3.577   -1.743  1.00 0.15 ? 15 C A H42    1 
ATOM 487 H H5     . C A 1 15 ? 0.169   4.027   -4.098  1.00 0.15 ? 15 C A H5     1 
ATOM 488 H H6     . C A 1 15 ? 1.782   4.618   -5.837  1.00 0.15 ? 15 C A H6     1 
ATOM 489 P P      . C A 1 16 ? 5.286   0.997   -8.013  1.00 0.15 ? 16 C A P      1 
ATOM 490 O OP1    . C A 1 16 ? 5.877   0.441   -9.257  1.00 1.08 ? 16 C A OP1    1 
ATOM 491 O OP2    . C A 1 16 ? 3.920   0.582   -7.601  1.00 1.07 ? 16 C A OP2    1 
ATOM 492 O "O5'"  . C A 1 16 ? 6.274   0.684   -6.804  1.00 0.14 ? 16 C A "O5'"  1 
ATOM 493 C "C5'"  . C A 1 16 ? 7.597   1.211   -6.784  1.00 0.15 ? 16 C A "C5'"  1 
ATOM 494 C "C4'"  . C A 1 16 ? 8.274   0.856   -5.483  1.00 0.14 ? 16 C A "C4'"  1 
ATOM 495 O "O4'"  . C A 1 16 ? 7.742   1.698   -4.425  1.00 0.13 ? 16 C A "O4'"  1 
ATOM 496 C "C3'"  . C A 1 16 ? 8.033   -0.561  -4.989  1.00 0.12 ? 16 C A "C3'"  1 
ATOM 497 O "O3'"  . C A 1 16 ? 8.922   -1.492  -5.598  1.00 0.13 ? 16 C A "O3'"  1 
ATOM 498 C "C2'"  . C A 1 16 ? 8.260   -0.425  -3.488  1.00 0.12 ? 16 C A "C2'"  1 
ATOM 499 O "O2'"  . C A 1 16 ? 9.640   -0.385  -3.174  1.00 0.13 ? 16 C A "O2'"  1 
ATOM 500 C "C1'"  . C A 1 16 ? 7.660   0.956   -3.221  1.00 0.13 ? 16 C A "C1'"  1 
ATOM 501 N N1     . C A 1 16 ? 6.251   0.926   -2.787  1.00 0.13 ? 16 C A N1     1 
ATOM 502 C C2     . C A 1 16 ? 5.958   0.614   -1.453  1.00 0.13 ? 16 C A C2     1 
ATOM 503 O O2     . C A 1 16 ? 6.890   0.376   -0.670  1.00 0.13 ? 16 C A O2     1 
ATOM 504 N N3     . C A 1 16 ? 4.665   0.579   -1.051  1.00 0.13 ? 16 C A N3     1 
ATOM 505 C C4     . C A 1 16 ? 3.689   0.843   -1.923  1.00 0.13 ? 16 C A C4     1 
ATOM 506 N N4     . C A 1 16 ? 2.431   0.799   -1.485  1.00 0.14 ? 16 C A N4     1 
ATOM 507 C C5     . C A 1 16 ? 3.958   1.164   -3.284  1.00 0.13 ? 16 C A C5     1 
ATOM 508 C C6     . C A 1 16 ? 5.240   1.193   -3.669  1.00 0.13 ? 16 C A C6     1 
ATOM 509 H "H5'"  . C A 1 16 ? 7.563   2.296   -6.886  1.00 0.15 ? 16 C A "H5'"  1 
ATOM 510 H "H5''" . C A 1 16 ? 8.173   0.794   -7.608  1.00 0.15 ? 16 C A "H5''" 1 
ATOM 511 H "H4'"  . C A 1 16 ? 9.350   0.965   -5.629  1.00 0.14 ? 16 C A "H4'"  1 
ATOM 512 H "H3'"  . C A 1 16 ? 7.027   -0.903  -5.230  1.00 0.12 ? 16 C A "H3'"  1 
ATOM 513 H "H2'"  . C A 1 16 ? 7.728   -1.206  -2.947  1.00 0.12 ? 16 C A "H2'"  1 
ATOM 514 H "HO2'" . C A 1 16 ? 9.799   -1.055  -2.509  1.00 0.13 ? 16 C A "HO2'" 1 
ATOM 515 H "H1'"  . C A 1 16 ? 8.228   1.504   -2.475  1.00 0.14 ? 16 C A "H1'"  1 
ATOM 516 H H41    . C A 1 16 ? 2.237   0.562   -0.524  1.00 0.14 ? 16 C A H41    1 
ATOM 517 H H42    . C A 1 16 ? 1.671   0.995   -2.120  1.00 0.14 ? 16 C A H42    1 
ATOM 518 H H5     . C A 1 16 ? 3.152   1.381   -3.985  1.00 0.13 ? 16 C A H5     1 
ATOM 519 H H6     . C A 1 16 ? 5.480   1.440   -4.702  1.00 0.13 ? 16 C A H6     1 
ATOM 520 P P      . C A 1 17 ? 8.441   -3.004  -5.852  1.00 0.12 ? 17 C A P      1 
ATOM 521 O OP1    . C A 1 17 ? 9.432   -3.661  -6.745  1.00 0.80 ? 17 C A OP1    1 
ATOM 522 O OP2    . C A 1 17 ? 7.010   -2.963  -6.250  1.00 0.83 ? 17 C A OP2    1 
ATOM 523 O "O5'"  . C A 1 17 ? 8.536   -3.682  -4.413  1.00 0.11 ? 17 C A "O5'"  1 
ATOM 524 C "C5'"  . C A 1 17 ? 9.769   -3.708  -3.698  1.00 0.12 ? 17 C A "C5'"  1 
ATOM 525 C "C4'"  . C A 1 17 ? 9.554   -4.228  -2.295  1.00 0.12 ? 17 C A "C4'"  1 
ATOM 526 O "O4'"  . C A 1 17 ? 8.838   -3.231  -1.515  1.00 0.12 ? 17 C A "O4'"  1 
ATOM 527 C "C3'"  . C A 1 17 ? 8.686   -5.470  -2.167  1.00 0.11 ? 17 C A "C3'"  1 
ATOM 528 O "O3'"  . C A 1 17 ? 9.409   -6.663  -2.454  1.00 0.12 ? 17 C A "O3'"  1 
ATOM 529 C "C2'"  . C A 1 17 ? 8.235   -5.387  -0.714  1.00 0.11 ? 17 C A "C2'"  1 
ATOM 530 O "O2'"  . C A 1 17 ? 9.264   -5.782  0.173   1.00 0.12 ? 17 C A "O2'"  1 
ATOM 531 C "C1'"  . C A 1 17 ? 8.011   -3.881  -0.563  1.00 0.12 ? 17 C A "C1'"  1 
ATOM 532 N N1     . C A 1 17 ? 6.614   -3.471  -0.791  1.00 0.11 ? 17 C A N1     1 
ATOM 533 C C2     . C A 1 17 ? 5.672   -3.682  0.224   1.00 0.12 ? 17 C A C2     1 
ATOM 534 O O2     . C A 1 17 ? 6.044   -4.187  1.294   1.00 0.12 ? 17 C A O2     1 
ATOM 535 N N3     . C A 1 17 ? 4.384   -3.330  0.015   1.00 0.12 ? 17 C A N3     1 
ATOM 536 C C4     . C A 1 17 ? 4.023   -2.786  -1.150  1.00 0.12 ? 17 C A C4     1 
ATOM 537 N N4     . C A 1 17 ? 2.740   -2.467  -1.316  1.00 0.12 ? 17 C A N4     1 
ATOM 538 C C5     . C A 1 17 ? 4.961   -2.548  -2.195  1.00 0.11 ? 17 C A C5     1 
ATOM 539 C C6     . C A 1 17 ? 6.233   -2.903  -1.975  1.00 0.11 ? 17 C A C6     1 
ATOM 540 H "H5'"  . C A 1 17 ? 10.185  -2.701  -3.648  1.00 0.13 ? 17 C A "H5'"  1 
ATOM 541 H "H5''" . C A 1 17 ? 10.478  -4.357  -4.210  1.00 0.13 ? 17 C A "H5''" 1 
ATOM 542 H "H4'"  . C A 1 17 ? 10.531  -4.480  -1.884  1.00 0.13 ? 17 C A "H4'"  1 
ATOM 543 H "H3'"  . C A 1 17 ? 7.849   -5.451  -2.864  1.00 0.10 ? 17 C A "H3'"  1 
ATOM 544 H "H2'"  . C A 1 17 ? 7.313   -5.945  -0.565  1.00 0.11 ? 17 C A "H2'"  1 
ATOM 545 H "HO2'" . C A 1 17 ? 8.872   -6.380  0.811   1.00 0.12 ? 17 C A "HO2'" 1 
ATOM 546 H "H1'"  . C A 1 17 ? 8.311   -3.522  0.420   1.00 0.12 ? 17 C A "H1'"  1 
ATOM 547 H H41    . C A 1 17 ? 2.083   -2.663  -0.576  1.00 0.13 ? 17 C A H41    1 
ATOM 548 H H42    . C A 1 17 ? 2.426   -2.056  -2.184  1.00 0.12 ? 17 C A H42    1 
ATOM 549 H H5     . C A 1 17 ? 4.659   -2.086  -3.134  1.00 0.11 ? 17 C A H5     1 
ATOM 550 H H6     . C A 1 17 ? 6.975   -2.736  -2.754  1.00 0.11 ? 17 C A H6     1 
ATOM 551 P P      . U A 1 18 ? 8.625   -7.963  -2.988  1.00 0.11 ? 18 U A P      1 
ATOM 552 O OP1    . U A 1 18 ? 9.627   -8.936  -3.492  1.00 0.81 ? 18 U A OP1    1 
ATOM 553 O OP2    . U A 1 18 ? 7.536   -7.498  -3.887  1.00 0.82 ? 18 U A OP2    1 
ATOM 554 O "O5'"  . U A 1 18 ? 7.954   -8.568  -1.676  1.00 0.11 ? 18 U A "O5'"  1 
ATOM 555 C "C5'"  . U A 1 18 ? 8.736   -8.851  -0.519  1.00 0.13 ? 18 U A "C5'"  1 
ATOM 556 C "C4'"  . U A 1 18 ? 7.848   -9.322  0.608   1.00 0.12 ? 18 U A "C4'"  1 
ATOM 557 O "O4'"  . U A 1 18 ? 7.122   -8.187  1.152   1.00 0.12 ? 18 U A "O4'"  1 
ATOM 558 C "C3'"  . U A 1 18 ? 6.759   -10.308 0.216   1.00 0.13 ? 18 U A "C3'"  1 
ATOM 559 O "O3'"  . U A 1 18 ? 7.261   -11.640 0.153   1.00 0.15 ? 18 U A "O3'"  1 
ATOM 560 C "C2'"  . U A 1 18 ? 5.731   -10.108 1.323   1.00 0.13 ? 18 U A "C2'"  1 
ATOM 561 O "O2'"  . U A 1 18 ? 6.122   -10.760 2.518   1.00 0.14 ? 18 U A "O2'"  1 
ATOM 562 C "C1'"  . U A 1 18 ? 5.820   -8.596  1.542   1.00 0.12 ? 18 U A "C1'"  1 
ATOM 563 N N1     . U A 1 18 ? 4.839   -7.823  0.765   1.00 0.11 ? 18 U A N1     1 
ATOM 564 C C2     . U A 1 18 ? 3.540   -7.765  1.242   1.00 0.12 ? 18 U A C2     1 
ATOM 565 O O2     . U A 1 18 ? 3.186   -8.317  2.270   1.00 0.13 ? 18 U A O2     1 
ATOM 566 N N3     . U A 1 18 ? 2.671   -7.035  0.470   1.00 0.12 ? 18 U A N3     1 
ATOM 567 C C4     . U A 1 18 ? 2.960   -6.372  -0.704  1.00 0.12 ? 18 U A C4     1 
ATOM 568 O O4     . U A 1 18 ? 2.072   -5.746  -1.282  1.00 0.12 ? 18 U A O4     1 
ATOM 569 C C5     . U A 1 18 ? 4.319   -6.480  -1.128  1.00 0.10 ? 18 U A C5     1 
ATOM 570 C C6     . U A 1 18 ? 5.194   -7.181  -0.401  1.00 0.10 ? 18 U A C6     1 
ATOM 571 H "H5'"  . U A 1 18 ? 9.267   -7.952  -0.204  1.00 0.13 ? 18 U A "H5'"  1 
ATOM 572 H "H5''" . U A 1 18 ? 9.463   -9.631  -0.745  1.00 0.14 ? 18 U A "H5''" 1 
ATOM 573 H "H4'"  . U A 1 18 ? 8.482   -9.826  1.340   1.00 0.14 ? 18 U A "H4'"  1 
ATOM 574 H "H3'"  . U A 1 18 ? 6.357   -10.091 -0.772  1.00 0.12 ? 18 U A "H3'"  1 
ATOM 575 H "H2'"  . U A 1 18 ? 4.739   -10.407 0.986   1.00 0.13 ? 18 U A "H2'"  1 
ATOM 576 H "HO2'" . U A 1 18 ? 5.382   -11.296 2.803   1.00 0.15 ? 18 U A "HO2'" 1 
ATOM 577 H "H1'"  . U A 1 18 ? 5.705   -8.328  2.593   1.00 0.12 ? 18 U A "H1'"  1 
ATOM 578 H H3     . U A 1 18 ? 1.718   -6.980  0.803   1.00 0.13 ? 18 U A H3     1 
ATOM 579 H H5     . U A 1 18 ? 4.646   -5.988  -2.043  1.00 0.10 ? 18 U A H5     1 
ATOM 580 H H6     . U A 1 18 ? 6.227   -7.242  -0.742  1.00 0.10 ? 18 U A H6     1 
ATOM 581 P P      . G A 1 19 ? 6.617   -12.690 -0.881  1.00 0.16 ? 19 G A P      1 
ATOM 582 O OP1    . G A 1 19 ? 7.508   -13.875 -0.950  1.00 1.30 ? 19 G A OP1    1 
ATOM 583 O OP2    . G A 1 19 ? 6.283   -11.953 -2.127  1.00 1.27 ? 19 G A OP2    1 
ATOM 584 O "O5'"  . G A 1 19 ? 5.256   -13.126 -0.180  1.00 0.17 ? 19 G A "O5'"  1 
ATOM 585 C "C5'"  . G A 1 19 ? 5.249   -13.608 1.161   1.00 0.18 ? 19 G A "C5'"  1 
ATOM 586 C "C4'"  . G A 1 19 ? 3.830   -13.762 1.654   1.00 0.18 ? 19 G A "C4'"  1 
ATOM 587 O "O4'"  . G A 1 19 ? 3.262   -12.451 1.915   1.00 0.17 ? 19 G A "O4'"  1 
ATOM 588 C "C3'"  . G A 1 19 ? 2.852   -14.379 0.669   1.00 0.19 ? 19 G A "C3'"  1 
ATOM 589 O "O3'"  . G A 1 19 ? 2.961   -15.799 0.633   1.00 0.22 ? 19 G A "O3'"  1 
ATOM 590 C "C2'"  . G A 1 19 ? 1.513   -13.901 1.216   1.00 0.20 ? 19 G A "C2'"  1 
ATOM 591 O "O2'"  . G A 1 19 ? 1.123   -14.643 2.357   1.00 0.21 ? 19 G A "O2'"  1 
ATOM 592 C "C1'"  . G A 1 19 ? 1.867   -12.480 1.657   1.00 0.18 ? 19 G A "C1'"  1 
ATOM 593 N N9     . G A 1 19 ? 1.559   -11.460 0.656   1.00 0.16 ? 19 G A N9     1 
ATOM 594 C C8     . G A 1 19 ? 2.444   -10.809 -0.169  1.00 0.14 ? 19 G A C8     1 
ATOM 595 N N7     . G A 1 19 ? 1.869   -9.943  -0.957  1.00 0.13 ? 19 G A N7     1 
ATOM 596 C C5     . G A 1 19 ? 0.521   -10.028 -0.635  1.00 0.15 ? 19 G A C5     1 
ATOM 597 C C6     . G A 1 19 ? -0.595  -9.324  -1.158  1.00 0.16 ? 19 G A C6     1 
ATOM 598 O O6     . G A 1 19 ? -0.616  -8.452  -2.033  1.00 0.15 ? 19 G A O6     1 
ATOM 599 N N1     . G A 1 19 ? -1.780  -9.724  -0.551  1.00 0.18 ? 19 G A N1     1 
ATOM 600 C C2     . G A 1 19 ? -1.879  -10.676 0.432   1.00 0.20 ? 19 G A C2     1 
ATOM 601 N N2     . G A 1 19 ? -3.108  -10.937 0.876   1.00 0.22 ? 19 G A N2     1 
ATOM 602 N N3     . G A 1 19 ? -0.847  -11.330 0.935   1.00 0.19 ? 19 G A N3     1 
ATOM 603 C C4     . G A 1 19 ? 0.314   -10.961 0.358   1.00 0.17 ? 19 G A C4     1 
ATOM 604 H "H5'"  . G A 1 19 ? 5.780   -12.908 1.807   1.00 0.17 ? 19 G A "H5'"  1 
ATOM 605 H "H5''" . G A 1 19 ? 5.745   -14.577 1.205   1.00 0.19 ? 19 G A "H5''" 1 
ATOM 606 H "H4'"  . G A 1 19 ? 3.851   -14.411 2.530   1.00 0.20 ? 19 G A "H4'"  1 
ATOM 607 H "H3'"  . G A 1 19 ? 3.035   -14.035 -0.347  1.00 0.18 ? 19 G A "H3'"  1 
ATOM 608 H "H2'"  . G A 1 19 ? 0.754   -13.900 0.434   1.00 0.20 ? 19 G A "H2'"  1 
ATOM 609 H "HO2'" . G A 1 19 ? 0.221   -14.928 2.214   1.00 0.23 ? 19 G A "HO2'" 1 
ATOM 610 H "H1'"  . G A 1 19 ? 1.365   -12.205 2.584   1.00 0.18 ? 19 G A "H1'"  1 
ATOM 611 H H8     . G A 1 19 ? 3.505   -10.997 -0.169  1.00 0.14 ? 19 G A H8     1 
ATOM 612 H H1     . G A 1 19 ? -2.632  -9.275  -0.861  1.00 0.19 ? 19 G A H1     1 
ATOM 613 H H21    . G A 1 19 ? -3.900  -10.443 0.493   1.00 0.23 ? 19 G A H21    1 
ATOM 614 H H22    . G A 1 19 ? -3.239  -11.634 1.596   1.00 0.23 ? 19 G A H22    1 
ATOM 615 P P      . C A 1 20 ? 2.543   -16.597 -0.698  1.00 0.24 ? 20 C A P      1 
ATOM 616 O OP1    . C A 1 20 ? 2.924   -18.022 -0.526  1.00 0.27 ? 20 C A OP1    1 
ATOM 617 O OP2    . C A 1 20 ? 3.057   -15.836 -1.864  1.00 0.22 ? 20 C A OP2    1 
ATOM 618 O "O5'"  . C A 1 20 ? 0.952   -16.507 -0.713  1.00 0.25 ? 20 C A "O5'"  1 
ATOM 619 C "C5'"  . C A 1 20 ? 0.178   -17.056 0.351   1.00 0.26 ? 20 C A "C5'"  1 
ATOM 620 C "C4'"  . C A 1 20 ? -1.291  -16.792 0.118   1.00 0.27 ? 20 C A "C4'"  1 
ATOM 621 O "O4'"  . C A 1 20 ? -1.562  -15.378 0.311   1.00 0.25 ? 20 C A "O4'"  1 
ATOM 622 C "C3'"  . C A 1 20 ? -1.797  -17.069 -1.289  1.00 0.28 ? 20 C A "C3'"  1 
ATOM 623 O "O3'"  . C A 1 20 ? -2.077  -18.450 -1.493  1.00 0.31 ? 20 C A "O3'"  1 
ATOM 624 C "C2'"  . C A 1 20 ? -3.045  -16.198 -1.358  1.00 0.28 ? 20 C A "C2'"  1 
ATOM 625 O "O2'"  . C A 1 20 ? -4.131  -16.792 -0.670  1.00 0.31 ? 20 C A "O2'"  1 
ATOM 626 C "C1'"  . C A 1 20 ? -2.589  -14.965 -0.576  1.00 0.25 ? 20 C A "C1'"  1 
ATOM 627 N N1     . C A 1 20 ? -2.065  -13.881 -1.430  1.00 0.22 ? 20 C A N1     1 
ATOM 628 C C2     . C A 1 20 ? -2.970  -13.053 -2.108  1.00 0.22 ? 20 C A C2     1 
ATOM 629 O O2     . C A 1 20 ? -4.186  -13.248 -1.968  1.00 0.24 ? 20 C A O2     1 
ATOM 630 N N3     . C A 1 20 ? -2.493  -12.064 -2.899  1.00 0.19 ? 20 C A N3     1 
ATOM 631 C C4     . C A 1 20 ? -1.176  -11.885 -3.024  1.00 0.17 ? 20 C A C4     1 
ATOM 632 N N4     . C A 1 20 ? -0.751  -10.892 -3.807  1.00 0.14 ? 20 C A N4     1 
ATOM 633 C C5     . C A 1 20 ? -0.234  -12.712 -2.347  1.00 0.17 ? 20 C A C5     1 
ATOM 634 C C6     . C A 1 20 ? -0.719  -13.686 -1.567  1.00 0.20 ? 20 C A C6     1 
ATOM 635 H "H5'"  . C A 1 20 ? 0.479   -16.602 1.296   1.00 0.25 ? 20 C A "H5'"  1 
ATOM 636 H "H5''" . C A 1 20 ? 0.339   -18.131 0.407   1.00 0.28 ? 20 C A "H5''" 1 
ATOM 637 H "H4'"  . C A 1 20 ? -1.855  -17.439 0.791   1.00 0.29 ? 20 C A "H4'"  1 
ATOM 638 H "H3'"  . C A 1 20 ? -1.059  -16.799 -2.042  1.00 0.26 ? 20 C A "H3'"  1 
ATOM 639 H "H2'"  . C A 1 20 ? -3.286  -15.952 -2.390  1.00 0.27 ? 20 C A "H2'"  1 
ATOM 640 H "HO2'" . C A 1 20 ? -4.886  -16.760 -1.258  1.00 0.31 ? 20 C A "HO2'" 1 
ATOM 641 H "H1'"  . C A 1 20 ? -3.389  -14.554 0.036   1.00 0.27 ? 20 C A "H1'"  1 
ATOM 642 H H41    . C A 1 20 ? -1.425  -10.319 -4.292  1.00 0.14 ? 20 C A H41    1 
ATOM 643 H H42    . C A 1 20 ? 0.235   -10.714 -3.927  1.00 0.13 ? 20 C A H42    1 
ATOM 644 H H5     . C A 1 20 ? 0.838   -12.557 -2.459  1.00 0.16 ? 20 C A H5     1 
ATOM 645 H H6     . C A 1 20 ? -0.025  -14.331 -1.030  1.00 0.21 ? 20 C A H6     1 
ATOM 646 P P      . C A 1 21 ? -2.026  -19.062 -2.979  1.00 0.32 ? 21 C A P      1 
ATOM 647 O OP1    . C A 1 21 ? -2.130  -20.539 -2.879  1.00 0.35 ? 21 C A OP1    1 
ATOM 648 O OP2    . C A 1 21 ? -0.864  -18.454 -3.678  1.00 0.30 ? 21 C A OP2    1 
ATOM 649 O "O5'"  . C A 1 21 ? -3.355  -18.513 -3.665  1.00 0.32 ? 21 C A "O5'"  1 
ATOM 650 C "C5'"  . C A 1 21 ? -4.638  -18.868 -3.157  1.00 0.34 ? 21 C A "C5'"  1 
ATOM 651 C "C4'"  . C A 1 21 ? -5.723  -18.171 -3.944  1.00 0.34 ? 21 C A "C4'"  1 
ATOM 652 O "O4'"  . C A 1 21 ? -5.643  -16.745 -3.693  1.00 0.31 ? 21 C A "O4'"  1 
ATOM 653 C "C3'"  . C A 1 21 ? -5.618  -18.295 -5.457  1.00 0.34 ? 21 C A "C3'"  1 
ATOM 654 O "O3'"  . C A 1 21 ? -6.200  -19.505 -5.946  1.00 0.37 ? 21 C A "O3'"  1 
ATOM 655 C "C2'"  . C A 1 21 ? -6.365  -17.058 -5.942  1.00 0.32 ? 21 C A "C2'"  1 
ATOM 656 O "O2'"  . C A 1 21 ? -7.766  -17.262 -5.906  1.00 0.35 ? 21 C A "O2'"  1 
ATOM 657 C "C1'"  . C A 1 21 ? -5.992  -16.033 -4.867  1.00 0.30 ? 21 C A "C1'"  1 
ATOM 658 N N1     . C A 1 21 ? -4.860  -15.163 -5.237  1.00 0.27 ? 21 C A N1     1 
ATOM 659 C C2     . C A 1 21 ? -5.086  -14.085 -6.102  1.00 0.25 ? 21 C A C2     1 
ATOM 660 O O2     . C A 1 21 ? -6.234  -13.883 -6.525  1.00 0.26 ? 21 C A O2     1 
ATOM 661 N N3     . C A 1 21 ? -4.048  -13.290 -6.452  1.00 0.21 ? 21 C A N3     1 
ATOM 662 C C4     . C A 1 21 ? -2.827  -13.540 -5.975  1.00 0.20 ? 21 C A C4     1 
ATOM 663 N N4     . C A 1 21 ? -1.832  -12.737 -6.353  1.00 0.17 ? 21 C A N4     1 
ATOM 664 C C5     . C A 1 21 ? -2.568  -14.624 -5.090  1.00 0.22 ? 21 C A C5     1 
ATOM 665 C C6     . C A 1 21 ? -3.604  -15.404 -4.752  1.00 0.25 ? 21 C A C6     1 
ATOM 666 H "H5'"  . C A 1 21 ? -4.712  -18.574 -2.108  1.00 0.34 ? 21 C A "H5'"  1 
ATOM 667 H "H5''" . C A 1 21 ? -4.781  -19.944 -3.234  1.00 0.36 ? 21 C A "H5''" 1 
ATOM 668 H "H4'"  . C A 1 21 ? -6.678  -18.612 -3.656  1.00 0.36 ? 21 C A "H4'"  1 
ATOM 669 H "H3'"  . C A 1 21 ? -4.579  -18.309 -5.786  1.00 0.33 ? 21 C A "H3'"  1 
ATOM 670 H "HO3'" . C A 1 21 ? -7.148  -19.357 -5.994  1.00 0.38 ? 21 C A "HO3'" 1 
ATOM 671 H "H2'"  . C A 1 21 ? -6.009  -16.756 -6.929  1.00 0.31 ? 21 C A "H2'"  1 
ATOM 672 H "HO2'" . C A 1 21 ? -8.134  -16.880 -6.704  1.00 0.35 ? 21 C A "HO2'" 1 
ATOM 673 H "H1'"  . C A 1 21 ? -6.833  -15.393 -4.605  1.00 0.31 ? 21 C A "H1'"  1 
ATOM 674 H H41    . C A 1 21 ? -2.017  -11.975 -6.988  1.00 0.16 ? 21 C A H41    1 
ATOM 675 H H42    . C A 1 21 ? -0.893  -12.894 -6.014  1.00 0.17 ? 21 C A H42    1 
ATOM 676 H H5     . C A 1 21 ? -1.569  -14.808 -4.698  1.00 0.22 ? 21 C A H5     1 
ATOM 677 H H6     . C A 1 21 ? -3.439  -16.243 -4.075  1.00 0.27 ? 21 C A H6     1 
# 
